data_9R31
#
_entry.id   9R31
#
_cell.length_a   46.617
_cell.length_b   67.467
_cell.length_c   80.859
_cell.angle_alpha   81.17
_cell.angle_beta   84.19
_cell.angle_gamma   86.37
#
_symmetry.space_group_name_H-M   'P 1'
#
loop_
_entity.id
_entity.type
_entity.pdbx_description
1 polymer 'Carbonic anhydrase 12'
2 non-polymer 'ZINC ION'
3 non-polymer '3-(cyclooctylamino)-2,6-difluoro-4-((3-hydroxypropyl)sulfonyl)-5- methoxybenzenesulfonamide'
4 water water
#
_entity_poly.entity_id   1
_entity_poly.type   'polypeptide(L)'
_entity_poly.pdbx_seq_one_letter_code
;GSMSKWTYFGPDGENSWSKKYPSCGGLLQSPIDLHSDILQYDASLTPLEFQGYNLSANKQFLLTNNGHSVKLNLPSDMHI
QGLQSRYSATQLHLHWGNPNDPHGSEHTVSGQHFAAELHIVHYNSDLYPDASTASNKSEGLAVLAVLIEMGSFNPSYDKI
FSHLQHVKYKGQEAFVPGFNIEELLPERTAEYYRYRGSLTTPPCNPTVLWTVFRNPVQISQEQLLALETALYCTHMDDPS
PREMINNFRQVQKFDERLVYTSFSQ
;
_entity_poly.pdbx_strand_id   A,B,C,D
#
loop_
_chem_comp.id
_chem_comp.type
_chem_comp.name
_chem_comp.formula
A1H89 non-polymer '3-(cyclooctylamino)-2,6-difluoro-4-((3-hydroxypropyl)sulfonyl)-5- methoxybenzenesulfonamide' 'C18 H28 F2 N2 O6 S2'
ZN non-polymer 'ZINC ION' 'Zn 2'
#
# COMPACT_ATOMS: atom_id res chain seq x y z
N LYS A 5 11.83 38.57 4.94
CA LYS A 5 12.81 38.32 6.04
C LYS A 5 12.98 36.82 6.32
N TRP A 6 12.67 35.96 5.34
CA TRP A 6 13.09 34.57 5.42
C TRP A 6 13.64 34.13 4.09
N THR A 7 14.60 33.19 4.18
CA THR A 7 15.31 32.67 3.02
C THR A 7 15.48 31.16 3.17
N TYR A 8 16.21 30.57 2.20
CA TYR A 8 16.59 29.17 2.25
C TYR A 8 18.07 29.00 2.52
N PHE A 9 18.79 30.11 2.79
CA PHE A 9 20.25 30.07 2.80
C PHE A 9 20.77 31.15 3.73
N GLY A 10 21.55 30.77 4.74
CA GLY A 10 22.20 31.73 5.62
C GLY A 10 21.37 32.00 6.87
N PRO A 11 21.65 33.14 7.54
CA PRO A 11 21.09 33.42 8.88
C PRO A 11 19.58 33.55 9.01
N ASP A 12 18.92 33.82 7.89
CA ASP A 12 17.47 33.80 7.81
C ASP A 12 16.92 32.52 7.17
N GLY A 13 17.72 31.48 7.11
CA GLY A 13 17.34 30.19 6.55
C GLY A 13 16.45 29.38 7.49
N GLU A 14 16.18 28.14 7.08
CA GLU A 14 15.04 27.43 7.62
C GLU A 14 15.20 27.08 9.10
N ASN A 15 16.40 26.97 9.64
CA ASN A 15 16.55 26.65 11.05
C ASN A 15 16.19 27.84 11.93
N SER A 16 16.09 29.02 11.31
CA SER A 16 15.74 30.27 11.96
C SER A 16 14.31 30.68 11.71
N TRP A 17 13.57 30.00 10.85
CA TRP A 17 12.21 30.38 10.57
C TRP A 17 11.35 30.45 11.85
N SER A 18 11.52 29.54 12.79
CA SER A 18 10.74 29.49 14.02
C SER A 18 10.91 30.77 14.84
N LYS A 19 12.01 31.51 14.69
CA LYS A 19 12.22 32.76 15.41
C LYS A 19 11.24 33.81 14.93
N LYS A 20 10.79 33.67 13.69
CA LYS A 20 9.96 34.66 13.04
C LYS A 20 8.50 34.21 12.87
N TYR A 21 8.26 32.90 12.87
CA TYR A 21 6.98 32.29 12.52
C TYR A 21 6.82 31.11 13.46
N PRO A 22 6.01 31.23 14.53
CA PRO A 22 5.93 30.20 15.54
C PRO A 22 5.55 28.81 15.05
N SER A 23 4.67 28.71 14.07
CA SER A 23 4.25 27.40 13.61
C SER A 23 5.38 26.63 12.93
N CYS A 24 6.43 27.31 12.48
CA CYS A 24 7.53 26.61 11.82
C CYS A 24 8.30 25.68 12.77
N GLY A 25 8.14 25.87 14.06
CA GLY A 25 8.68 24.98 15.08
C GLY A 25 7.60 24.15 15.78
N GLY A 26 6.37 24.16 15.23
CA GLY A 26 5.23 23.46 15.81
C GLY A 26 5.08 22.06 15.24
N LEU A 27 3.87 21.54 15.40
CA LEU A 27 3.51 20.20 15.03
C LEU A 27 3.25 20.12 13.51
N LEU A 28 3.15 18.87 13.04
CA LEU A 28 2.58 18.51 11.73
C LEU A 28 3.36 19.13 10.58
N GLN A 29 4.68 19.29 10.70
CA GLN A 29 5.44 20.01 9.68
C GLN A 29 5.74 19.14 8.46
N SER A 30 5.74 19.79 7.31
CA SER A 30 6.06 19.20 6.02
C SER A 30 7.31 19.88 5.48
N PRO A 31 8.03 19.30 4.49
CA PRO A 31 7.77 18.01 3.87
C PRO A 31 8.38 16.88 4.69
N ILE A 32 8.22 15.65 4.17
CA ILE A 32 8.70 14.44 4.83
C ILE A 32 9.30 13.48 3.81
N ASP A 33 10.08 12.50 4.33
CA ASP A 33 10.53 11.40 3.53
C ASP A 33 9.52 10.26 3.58
N LEU A 34 9.14 9.79 2.39
CA LEU A 34 8.13 8.78 2.22
C LEU A 34 8.85 7.45 2.09
N HIS A 35 8.77 6.61 3.11
CA HIS A 35 9.57 5.40 3.15
C HIS A 35 8.74 4.29 3.79
N SER A 36 9.13 3.03 3.56
CA SER A 36 8.33 1.84 3.83
C SER A 36 7.78 1.84 5.25
N ASP A 37 8.58 2.24 6.25
CA ASP A 37 8.28 2.00 7.65
C ASP A 37 7.08 2.79 8.12
N ILE A 38 6.78 3.90 7.46
CA ILE A 38 5.71 4.78 7.89
C ILE A 38 4.54 4.80 6.91
N LEU A 39 4.52 3.90 5.91
CA LEU A 39 3.45 3.76 4.92
C LEU A 39 2.42 2.78 5.44
N GLN A 40 1.17 3.07 5.11
CA GLN A 40 0.09 2.13 5.37
C GLN A 40 -0.93 2.25 4.26
N TYR A 41 -1.21 1.10 3.65
CA TYR A 41 -2.22 1.04 2.59
C TYR A 41 -3.62 1.31 3.17
N ASP A 42 -4.39 2.17 2.50
CA ASP A 42 -5.76 2.50 2.92
C ASP A 42 -6.62 2.41 1.66
N ALA A 43 -7.43 1.36 1.61
CA ALA A 43 -8.38 1.15 0.54
C ALA A 43 -9.45 2.25 0.47
N SER A 44 -9.67 3.03 1.52
CA SER A 44 -10.62 4.13 1.47
C SER A 44 -10.13 5.33 0.64
N LEU A 45 -8.88 5.28 0.16
CA LEU A 45 -8.34 6.41 -0.58
C LEU A 45 -8.67 6.29 -2.06
N THR A 46 -9.75 6.98 -2.48
CA THR A 46 -10.26 6.84 -3.83
C THR A 46 -9.74 7.98 -4.69
N PRO A 47 -9.89 7.88 -6.03
CA PRO A 47 -9.34 8.90 -6.91
C PRO A 47 -9.97 10.26 -6.71
N LEU A 48 -9.14 11.30 -6.69
CA LEU A 48 -9.64 12.65 -6.77
C LEU A 48 -10.17 12.90 -8.18
N GLU A 49 -11.08 13.84 -8.27
CA GLU A 49 -11.53 14.35 -9.56
C GLU A 49 -11.12 15.80 -9.68
N PHE A 50 -10.51 16.15 -10.83
CA PHE A 50 -9.99 17.49 -11.04
C PHE A 50 -11.02 18.24 -11.88
N GLN A 51 -11.78 19.15 -11.27
CA GLN A 51 -12.85 19.83 -11.98
C GLN A 51 -12.47 21.27 -12.32
N GLY A 52 -12.82 21.69 -13.54
CA GLY A 52 -12.53 23.03 -14.00
C GLY A 52 -11.02 23.27 -14.22
N TYR A 53 -10.23 22.20 -14.45
CA TYR A 53 -8.77 22.27 -14.60
C TYR A 53 -8.45 22.73 -16.01
N ASN A 54 -9.40 22.56 -16.94
CA ASN A 54 -9.18 22.95 -18.34
C ASN A 54 -9.45 24.44 -18.49
N LEU A 55 -8.46 25.24 -18.13
CA LEU A 55 -8.59 26.68 -18.12
C LEU A 55 -8.74 27.17 -19.55
N SER A 56 -9.61 28.16 -19.72
CA SER A 56 -9.90 28.73 -21.02
C SER A 56 -8.63 29.35 -21.63
N ALA A 57 -8.32 28.90 -22.85
CA ALA A 57 -7.28 29.50 -23.67
C ALA A 57 -7.59 30.97 -23.98
N ASN A 58 -8.82 31.39 -23.76
CA ASN A 58 -9.19 32.77 -24.05
C ASN A 58 -8.91 33.69 -22.87
N LYS A 59 -8.46 33.14 -21.74
CA LYS A 59 -8.17 33.91 -20.55
C LYS A 59 -6.67 33.87 -20.28
N GLN A 60 -6.21 34.86 -19.51
CA GLN A 60 -4.83 35.00 -19.10
C GLN A 60 -4.77 34.78 -17.59
N PHE A 61 -3.69 34.18 -17.11
CA PHE A 61 -3.51 33.92 -15.69
C PHE A 61 -2.16 34.48 -15.25
N LEU A 62 -2.10 35.12 -14.08
CA LEU A 62 -0.96 35.91 -13.67
C LEU A 62 0.13 35.01 -13.09
N LEU A 63 1.35 35.17 -13.65
CA LEU A 63 2.56 34.49 -13.18
C LEU A 63 3.40 35.55 -12.48
N THR A 64 3.89 35.24 -11.27
CA THR A 64 4.57 36.23 -10.46
C THR A 64 5.81 35.60 -9.86
N ASN A 65 6.91 36.35 -9.90
CA ASN A 65 8.09 36.04 -9.11
C ASN A 65 7.86 36.71 -7.76
N ASN A 66 7.64 35.94 -6.66
CA ASN A 66 7.35 36.56 -5.37
C ASN A 66 8.56 36.63 -4.45
N GLY A 67 9.75 36.44 -5.01
CA GLY A 67 10.97 36.52 -4.23
C GLY A 67 11.39 35.19 -3.61
N HIS A 68 10.47 34.20 -3.65
CA HIS A 68 10.71 32.90 -3.01
C HIS A 68 10.50 31.76 -3.99
N SER A 69 9.57 31.91 -4.92
CA SER A 69 9.22 30.96 -5.94
C SER A 69 8.69 31.71 -7.16
N VAL A 70 8.25 30.94 -8.16
CA VAL A 70 7.41 31.51 -9.21
C VAL A 70 6.02 30.88 -9.06
N LYS A 71 4.99 31.75 -8.95
CA LYS A 71 3.63 31.27 -8.75
C LYS A 71 2.74 31.69 -9.92
N LEU A 72 1.75 30.83 -10.19
CA LEU A 72 0.68 31.10 -11.14
C LEU A 72 -0.63 31.13 -10.39
N ASN A 73 -1.33 32.28 -10.49
CA ASN A 73 -2.64 32.43 -9.86
C ASN A 73 -3.65 31.56 -10.61
N LEU A 74 -4.51 30.91 -9.85
CA LEU A 74 -5.52 30.02 -10.39
C LEU A 74 -6.92 30.43 -9.92
N PRO A 75 -7.98 30.16 -10.72
CA PRO A 75 -9.33 30.62 -10.38
C PRO A 75 -10.02 29.65 -9.45
N SER A 76 -10.98 30.16 -8.68
CA SER A 76 -11.62 29.36 -7.66
C SER A 76 -12.67 28.43 -8.28
N ASP A 77 -12.83 28.47 -9.61
CA ASP A 77 -13.73 27.55 -10.26
C ASP A 77 -13.03 26.21 -10.50
N MET A 78 -11.69 26.18 -10.36
CA MET A 78 -10.98 24.92 -10.34
C MET A 78 -11.12 24.29 -8.97
N HIS A 79 -11.45 23.02 -8.92
CA HIS A 79 -11.52 22.44 -7.59
C HIS A 79 -11.32 20.94 -7.60
N ILE A 80 -11.08 20.43 -6.39
CA ILE A 80 -10.90 19.02 -6.18
C ILE A 80 -12.18 18.49 -5.57
N GLN A 81 -12.68 17.38 -6.15
CA GLN A 81 -13.79 16.63 -5.61
C GLN A 81 -13.28 15.27 -5.16
N GLY A 82 -13.82 14.75 -4.06
CA GLY A 82 -13.48 13.41 -3.58
C GLY A 82 -13.13 13.43 -2.10
N LEU A 83 -12.73 14.59 -1.57
CA LEU A 83 -12.42 14.73 -0.15
C LEU A 83 -13.71 15.13 0.59
N GLN A 84 -13.68 15.17 1.92
CA GLN A 84 -14.89 15.48 2.70
C GLN A 84 -15.50 16.82 2.29
N SER A 85 -14.66 17.84 2.10
CA SER A 85 -15.08 19.17 1.67
C SER A 85 -14.62 19.40 0.23
N ARG A 86 -15.22 20.32 -0.50
CA ARG A 86 -14.60 20.81 -1.74
C ARG A 86 -13.48 21.76 -1.37
N TYR A 87 -12.39 21.61 -2.13
CA TYR A 87 -11.26 22.53 -2.06
C TYR A 87 -11.06 23.19 -3.43
N SER A 88 -11.03 24.53 -3.44
CA SER A 88 -10.87 25.26 -4.68
C SER A 88 -9.44 25.76 -4.80
N ALA A 89 -9.01 25.88 -6.04
CA ALA A 89 -7.63 26.30 -6.33
C ALA A 89 -7.42 27.77 -6.00
N THR A 90 -6.19 28.12 -5.63
CA THR A 90 -5.76 29.51 -5.46
C THR A 90 -4.46 29.78 -6.25
N GLN A 91 -3.48 28.83 -6.33
CA GLN A 91 -2.22 29.07 -7.05
C GLN A 91 -1.45 27.76 -7.17
N LEU A 92 -0.48 27.78 -8.09
CA LEU A 92 0.54 26.74 -8.11
C LEU A 92 1.90 27.41 -8.15
N HIS A 93 2.91 26.61 -7.72
CA HIS A 93 4.30 27.09 -7.66
C HIS A 93 5.21 25.85 -7.68
N LEU A 94 6.53 26.11 -7.70
CA LEU A 94 7.53 25.04 -7.81
C LEU A 94 8.63 25.23 -6.77
N HIS A 95 9.32 24.09 -6.54
CA HIS A 95 10.56 24.07 -5.75
C HIS A 95 11.64 23.34 -6.55
N TRP A 96 12.89 23.81 -6.43
CA TRP A 96 14.01 23.19 -7.18
C TRP A 96 15.32 23.42 -6.44
N GLY A 97 16.37 22.80 -7.04
CA GLY A 97 17.71 22.78 -6.47
C GLY A 97 18.59 23.79 -7.19
N ASN A 98 19.71 23.29 -7.73
CA ASN A 98 20.68 24.15 -8.39
C ASN A 98 21.50 23.29 -9.36
N PRO A 99 22.16 23.89 -10.38
CA PRO A 99 22.86 23.09 -11.39
C PRO A 99 23.93 22.13 -10.86
N ASN A 100 24.56 22.45 -9.73
CA ASN A 100 25.61 21.64 -9.17
C ASN A 100 25.05 20.48 -8.37
N ASP A 101 23.77 20.59 -7.95
CA ASP A 101 23.10 19.55 -7.18
C ASP A 101 21.62 19.58 -7.52
N PRO A 102 21.26 19.03 -8.69
CA PRO A 102 19.91 19.26 -9.23
C PRO A 102 18.90 18.27 -8.65
N HIS A 103 18.71 18.38 -7.33
CA HIS A 103 17.88 17.44 -6.58
C HIS A 103 17.12 18.21 -5.50
N GLY A 104 16.15 19.03 -5.93
CA GLY A 104 15.46 19.99 -5.06
C GLY A 104 13.96 19.77 -4.87
N SER A 105 13.47 18.53 -5.01
CA SER A 105 12.11 18.25 -4.52
C SER A 105 12.06 18.47 -3.01
N GLU A 106 10.85 18.70 -2.51
CA GLU A 106 10.63 18.84 -1.07
C GLU A 106 10.43 17.49 -0.41
N HIS A 107 9.42 16.75 -0.89
CA HIS A 107 9.25 15.38 -0.48
C HIS A 107 10.35 14.52 -1.08
N THR A 108 10.76 13.52 -0.32
CA THR A 108 11.68 12.50 -0.83
C THR A 108 11.02 11.13 -0.75
N VAL A 109 11.54 10.19 -1.55
CA VAL A 109 10.97 8.85 -1.63
C VAL A 109 12.10 7.88 -1.35
N SER A 110 12.02 7.18 -0.23
CA SER A 110 13.07 6.24 0.18
C SER A 110 14.42 6.97 0.17
N GLY A 111 14.41 8.20 0.72
CA GLY A 111 15.55 9.05 0.97
C GLY A 111 16.03 9.79 -0.28
N GLN A 112 15.41 9.56 -1.43
CA GLN A 112 15.84 10.14 -2.69
C GLN A 112 15.04 11.41 -3.02
N HIS A 113 15.78 12.49 -3.31
CA HIS A 113 15.18 13.69 -3.88
C HIS A 113 14.94 13.42 -5.36
N PHE A 114 13.87 14.02 -5.86
CA PHE A 114 13.68 14.26 -7.27
C PHE A 114 14.25 15.64 -7.63
N ALA A 115 14.28 15.94 -8.93
CA ALA A 115 14.86 17.17 -9.41
C ALA A 115 14.11 18.41 -8.90
N ALA A 116 12.78 18.34 -8.85
CA ALA A 116 11.95 19.48 -8.52
C ALA A 116 10.60 18.96 -8.06
N GLU A 117 9.72 19.90 -7.68
CA GLU A 117 8.37 19.54 -7.24
C GLU A 117 7.41 20.67 -7.59
N LEU A 118 6.24 20.30 -8.12
CA LEU A 118 5.12 21.23 -8.36
C LEU A 118 4.06 21.06 -7.28
N HIS A 119 3.59 22.20 -6.76
CA HIS A 119 2.49 22.21 -5.79
C HIS A 119 1.30 23.01 -6.33
N ILE A 120 0.12 22.37 -6.26
CA ILE A 120 -1.12 23.06 -6.65
C ILE A 120 -1.96 23.26 -5.40
N VAL A 121 -2.01 24.50 -4.94
CA VAL A 121 -2.56 24.87 -3.65
C VAL A 121 -4.07 25.18 -3.75
N HIS A 122 -4.84 24.54 -2.86
CA HIS A 122 -6.28 24.72 -2.81
C HIS A 122 -6.64 25.06 -1.36
N TYR A 123 -7.82 25.68 -1.22
CA TYR A 123 -8.41 26.04 0.06
C TYR A 123 -9.84 25.48 0.21
N ASN A 124 -10.20 25.27 1.48
CA ASN A 124 -11.53 24.70 1.80
C ASN A 124 -12.65 25.71 1.61
N SER A 125 -13.22 25.70 0.42
CA SER A 125 -14.20 26.73 0.06
C SER A 125 -15.60 26.46 0.64
N ASP A 126 -15.80 25.20 1.11
CA ASP A 126 -17.05 24.93 1.83
C ASP A 126 -16.99 25.57 3.22
N LEU A 127 -15.84 25.63 3.89
CA LEU A 127 -15.78 26.13 5.26
C LEU A 127 -15.40 27.60 5.29
N TYR A 128 -14.63 28.08 4.29
CA TYR A 128 -13.96 29.38 4.38
C TYR A 128 -14.17 30.18 3.09
N PRO A 129 -14.20 31.53 3.16
CA PRO A 129 -14.49 32.34 1.98
C PRO A 129 -13.36 32.48 0.96
N ASP A 130 -12.13 32.32 1.44
CA ASP A 130 -10.97 32.59 0.62
C ASP A 130 -9.75 31.89 1.23
N ALA A 131 -8.64 31.84 0.47
CA ALA A 131 -7.48 31.08 0.88
C ALA A 131 -6.78 31.69 2.10
N SER A 132 -6.62 33.01 2.13
CA SER A 132 -6.01 33.69 3.28
C SER A 132 -6.72 33.34 4.59
N THR A 133 -8.06 33.43 4.61
CA THR A 133 -8.85 33.12 5.80
C THR A 133 -8.71 31.63 6.19
N ALA A 134 -8.73 30.74 5.18
CA ALA A 134 -8.58 29.31 5.40
C ALA A 134 -7.21 28.90 5.95
N SER A 135 -6.17 29.70 5.71
CA SER A 135 -4.78 29.20 5.76
C SER A 135 -4.43 28.83 7.20
N ASN A 136 -5.05 29.47 8.21
CA ASN A 136 -4.72 29.22 9.60
C ASN A 136 -5.87 28.55 10.33
N LYS A 137 -6.78 27.85 9.61
CA LYS A 137 -7.98 27.27 10.18
C LYS A 137 -8.00 25.76 9.92
N SER A 138 -8.82 25.05 10.73
CA SER A 138 -9.02 23.61 10.65
C SER A 138 -9.38 23.20 9.22
N GLU A 139 -8.64 22.21 8.70
CA GLU A 139 -8.87 21.68 7.38
C GLU A 139 -8.89 22.77 6.33
N GLY A 140 -8.05 23.79 6.48
CA GLY A 140 -8.13 24.94 5.61
C GLY A 140 -7.61 24.72 4.19
N LEU A 141 -6.55 23.90 4.04
CA LEU A 141 -5.80 23.83 2.77
C LEU A 141 -5.65 22.37 2.32
N ALA A 142 -5.50 22.23 1.00
CA ALA A 142 -5.15 20.96 0.40
C ALA A 142 -4.19 21.25 -0.74
N VAL A 143 -3.03 20.55 -0.73
CA VAL A 143 -2.02 20.76 -1.76
C VAL A 143 -1.80 19.45 -2.48
N LEU A 144 -1.79 19.53 -3.80
CA LEU A 144 -1.38 18.41 -4.67
C LEU A 144 0.09 18.61 -5.04
N ALA A 145 0.87 17.52 -4.87
CA ALA A 145 2.31 17.55 -5.13
C ALA A 145 2.64 16.58 -6.25
N VAL A 146 3.39 17.09 -7.24
CA VAL A 146 3.92 16.30 -8.33
C VAL A 146 5.47 16.32 -8.27
N LEU A 147 6.02 15.14 -8.13
CA LEU A 147 7.47 14.98 -8.20
C LEU A 147 7.96 15.10 -9.65
N ILE A 148 9.05 15.85 -9.85
CA ILE A 148 9.59 16.09 -11.18
C ILE A 148 10.99 15.49 -11.30
N GLU A 149 11.15 14.60 -12.29
CA GLU A 149 12.44 14.02 -12.61
C GLU A 149 12.96 14.60 -13.93
N MET A 150 14.28 14.60 -14.03
CA MET A 150 14.87 15.06 -15.27
C MET A 150 14.89 13.89 -16.28
N GLY A 151 14.35 14.16 -17.46
CA GLY A 151 14.38 13.20 -18.54
C GLY A 151 13.83 13.81 -19.85
N SER A 152 12.64 13.36 -20.27
CA SER A 152 12.00 13.86 -21.48
C SER A 152 11.44 15.28 -21.35
N PHE A 153 11.54 16.06 -22.44
CA PHE A 153 10.89 17.35 -22.57
C PHE A 153 9.40 17.17 -22.29
N ASN A 154 8.83 18.21 -21.70
CA ASN A 154 7.41 18.24 -21.31
C ASN A 154 6.76 19.49 -21.88
N PRO A 155 5.99 19.37 -22.98
CA PRO A 155 5.30 20.51 -23.58
C PRO A 155 4.36 21.22 -22.64
N SER A 156 3.74 20.48 -21.72
CA SER A 156 2.76 21.08 -20.82
C SER A 156 3.43 21.97 -19.79
N TYR A 157 4.52 21.49 -19.18
CA TYR A 157 5.26 22.32 -18.25
C TYR A 157 5.87 23.52 -18.98
N ASP A 158 6.22 23.36 -20.27
CA ASP A 158 6.75 24.50 -21.01
C ASP A 158 5.74 25.64 -21.23
N LYS A 159 4.43 25.39 -21.06
CA LYS A 159 3.43 26.47 -21.08
C LYS A 159 3.66 27.48 -19.96
N ILE A 160 4.26 27.03 -18.84
CA ILE A 160 4.72 27.91 -17.77
C ILE A 160 6.14 28.36 -18.07
N PHE A 161 7.04 27.39 -18.31
CA PHE A 161 8.47 27.65 -18.32
C PHE A 161 8.86 28.63 -19.43
N SER A 162 8.08 28.69 -20.51
CA SER A 162 8.40 29.52 -21.65
C SER A 162 8.27 31.01 -21.27
N HIS A 163 7.68 31.31 -20.11
CA HIS A 163 7.57 32.70 -19.65
C HIS A 163 8.60 33.11 -18.61
N LEU A 164 9.52 32.21 -18.23
CA LEU A 164 10.40 32.47 -17.10
C LEU A 164 11.33 33.67 -17.31
N GLN A 165 11.71 33.94 -18.56
CA GLN A 165 12.60 35.05 -18.86
C GLN A 165 11.88 36.40 -18.76
N HIS A 166 10.59 36.41 -18.46
CA HIS A 166 9.87 37.66 -18.27
C HIS A 166 9.43 37.84 -16.82
N VAL A 167 9.82 36.92 -15.93
CA VAL A 167 9.56 37.10 -14.49
C VAL A 167 10.85 36.86 -13.70
N LYS A 168 11.97 37.35 -14.22
CA LYS A 168 13.28 37.03 -13.68
C LYS A 168 13.51 37.57 -12.28
N TYR A 169 12.89 38.72 -11.95
CA TYR A 169 13.21 39.41 -10.72
C TYR A 169 11.96 39.52 -9.84
N LYS A 170 12.24 39.74 -8.56
CA LYS A 170 11.16 39.83 -7.58
C LYS A 170 10.15 40.90 -7.96
N GLY A 171 8.89 40.48 -7.92
CA GLY A 171 7.78 41.39 -8.14
C GLY A 171 7.32 41.44 -9.60
N GLN A 172 8.11 40.86 -10.51
CA GLN A 172 7.78 40.90 -11.93
C GLN A 172 6.70 39.87 -12.22
N GLU A 173 5.89 40.21 -13.22
CA GLU A 173 4.65 39.51 -13.52
C GLU A 173 4.56 39.29 -15.03
N ALA A 174 4.01 38.14 -15.43
CA ALA A 174 3.67 37.84 -16.82
C ALA A 174 2.32 37.15 -16.91
N PHE A 175 1.70 37.18 -18.09
CA PHE A 175 0.47 36.42 -18.31
C PHE A 175 0.75 35.10 -19.00
N VAL A 176 0.08 34.06 -18.49
CA VAL A 176 0.09 32.74 -19.13
C VAL A 176 -1.31 32.40 -19.61
N PRO A 177 -1.55 32.16 -20.91
CA PRO A 177 -2.88 31.76 -21.39
C PRO A 177 -3.34 30.51 -20.69
N GLY A 178 -4.66 30.42 -20.50
CA GLY A 178 -5.22 29.21 -19.93
C GLY A 178 -4.79 27.95 -20.70
N PHE A 179 -4.57 26.87 -19.95
CA PHE A 179 -4.33 25.54 -20.49
C PHE A 179 -4.85 24.56 -19.46
N ASN A 180 -4.91 23.30 -19.83
CA ASN A 180 -5.43 22.23 -18.99
C ASN A 180 -4.40 21.85 -17.93
N ILE A 181 -4.64 22.29 -16.69
CA ILE A 181 -3.70 22.09 -15.62
C ILE A 181 -3.50 20.59 -15.39
N GLU A 182 -4.52 19.77 -15.72
CA GLU A 182 -4.41 18.34 -15.52
C GLU A 182 -3.22 17.77 -16.29
N GLU A 183 -2.79 18.45 -17.37
CA GLU A 183 -1.61 18.03 -18.12
C GLU A 183 -0.32 18.03 -17.29
N LEU A 184 -0.32 18.79 -16.17
CA LEU A 184 0.85 18.83 -15.29
C LEU A 184 0.90 17.63 -14.36
N LEU A 185 -0.16 16.84 -14.31
CA LEU A 185 -0.25 15.75 -13.37
C LEU A 185 0.33 14.50 -14.02
N PRO A 186 0.84 13.56 -13.20
CA PRO A 186 1.44 12.34 -13.72
C PRO A 186 0.47 11.24 -14.13
N GLU A 187 1.04 10.11 -14.56
CA GLU A 187 0.25 8.93 -14.85
C GLU A 187 -0.30 8.37 -13.56
N ARG A 188 -1.53 7.80 -13.63
CA ARG A 188 -2.09 6.99 -12.57
C ARG A 188 -2.23 7.86 -11.32
N THR A 189 -2.95 8.98 -11.48
CA THR A 189 -3.19 9.87 -10.36
C THR A 189 -3.92 9.14 -9.23
N ALA A 190 -4.54 7.98 -9.51
CA ALA A 190 -5.22 7.24 -8.47
C ALA A 190 -4.24 6.74 -7.41
N GLU A 191 -2.96 6.63 -7.76
CA GLU A 191 -1.92 6.18 -6.86
C GLU A 191 -1.25 7.40 -6.22
N TYR A 192 -1.29 7.47 -4.88
CA TYR A 192 -0.82 8.65 -4.17
C TYR A 192 -0.58 8.29 -2.71
N TYR A 193 0.24 9.16 -2.09
CA TYR A 193 0.49 9.24 -0.66
C TYR A 193 -0.39 10.35 -0.11
N ARG A 194 -0.93 10.19 1.08
CA ARG A 194 -1.80 11.16 1.73
C ARG A 194 -1.41 11.27 3.20
N TYR A 195 -1.24 12.51 3.69
CA TYR A 195 -0.97 12.71 5.10
C TYR A 195 -1.31 14.16 5.45
N ARG A 196 -1.57 14.38 6.74
CA ARG A 196 -1.76 15.70 7.27
C ARG A 196 -0.45 16.39 7.64
N GLY A 197 -0.28 17.57 7.09
CA GLY A 197 0.93 18.32 7.37
C GLY A 197 0.71 19.83 7.33
N SER A 198 1.67 20.54 6.77
CA SER A 198 1.80 21.96 6.93
C SER A 198 2.20 22.62 5.63
N LEU A 199 2.08 23.94 5.58
CA LEU A 199 2.82 24.70 4.60
C LEU A 199 4.32 24.42 4.79
N THR A 200 5.04 24.36 3.66
CA THR A 200 6.51 24.14 3.70
C THR A 200 7.28 25.45 3.70
N THR A 201 6.56 26.61 3.72
CA THR A 201 7.17 27.93 3.88
C THR A 201 6.51 28.63 5.05
N PRO A 202 7.16 29.66 5.62
CA PRO A 202 6.42 30.54 6.55
C PRO A 202 5.10 30.89 5.92
N PRO A 203 4.03 31.02 6.74
CA PRO A 203 4.04 30.83 8.19
C PRO A 203 4.00 29.39 8.72
N CYS A 204 4.10 28.36 7.86
CA CYS A 204 4.23 26.96 8.27
C CYS A 204 2.96 26.41 8.93
N ASN A 205 1.79 26.98 8.61
CA ASN A 205 0.56 26.59 9.30
C ASN A 205 0.33 25.10 9.13
N PRO A 206 -0.07 24.38 10.20
CA PRO A 206 -0.31 22.93 10.12
C PRO A 206 -1.72 22.56 9.65
N THR A 207 -2.09 23.09 8.49
CA THR A 207 -3.47 23.05 8.06
C THR A 207 -3.61 22.41 6.67
N VAL A 208 -2.55 21.71 6.19
CA VAL A 208 -2.57 21.18 4.85
C VAL A 208 -2.82 19.68 4.84
N LEU A 209 -3.80 19.28 4.03
CA LEU A 209 -3.97 17.90 3.63
C LEU A 209 -3.11 17.68 2.37
N TRP A 210 -2.03 16.89 2.50
CA TRP A 210 -1.12 16.64 1.39
C TRP A 210 -1.51 15.39 0.60
N THR A 211 -1.46 15.52 -0.73
CA THR A 211 -1.61 14.41 -1.64
C THR A 211 -0.37 14.49 -2.54
N VAL A 212 0.50 13.49 -2.41
CA VAL A 212 1.73 13.38 -3.21
C VAL A 212 1.51 12.25 -4.19
N PHE A 213 1.49 12.55 -5.49
CA PHE A 213 1.26 11.49 -6.44
C PHE A 213 2.45 10.54 -6.45
N ARG A 214 2.19 9.24 -6.62
CA ARG A 214 3.23 8.21 -6.56
C ARG A 214 4.25 8.37 -7.69
N ASN A 215 3.76 8.71 -8.89
CA ASN A 215 4.56 8.68 -10.08
C ASN A 215 5.06 10.07 -10.42
N PRO A 216 6.37 10.21 -10.75
CA PRO A 216 6.86 11.53 -11.18
C PRO A 216 6.48 11.85 -12.61
N VAL A 217 6.63 13.11 -12.99
CA VAL A 217 6.66 13.54 -14.38
C VAL A 217 8.11 13.84 -14.77
N GLN A 218 8.36 13.96 -16.07
CA GLN A 218 9.68 14.29 -16.57
C GLN A 218 9.64 15.63 -17.27
N ILE A 219 10.70 16.44 -17.05
CA ILE A 219 11.02 17.62 -17.84
C ILE A 219 12.43 17.45 -18.39
N SER A 220 12.82 18.15 -19.45
CA SER A 220 14.15 17.92 -20.01
C SER A 220 15.25 18.58 -19.17
N GLN A 221 16.50 18.21 -19.51
CA GLN A 221 17.67 18.89 -18.97
C GLN A 221 17.57 20.41 -19.16
N GLU A 222 17.19 20.84 -20.37
CA GLU A 222 17.17 22.26 -20.69
C GLU A 222 16.06 22.95 -19.88
N GLN A 223 14.91 22.29 -19.74
CA GLN A 223 13.82 22.83 -18.94
C GLN A 223 14.22 23.00 -17.47
N LEU A 224 14.87 21.97 -16.92
CA LEU A 224 15.29 22.00 -15.54
C LEU A 224 16.32 23.12 -15.34
N LEU A 225 17.28 23.24 -16.29
CA LEU A 225 18.32 24.26 -16.20
C LEU A 225 17.69 25.65 -16.25
N ALA A 226 16.72 25.85 -17.13
CA ALA A 226 16.00 27.14 -17.20
C ALA A 226 15.34 27.51 -15.86
N LEU A 227 14.63 26.54 -15.27
CA LEU A 227 14.03 26.74 -13.98
C LEU A 227 15.04 27.11 -12.90
N GLU A 228 16.23 26.50 -12.97
CA GLU A 228 17.24 26.70 -11.94
C GLU A 228 18.04 28.00 -12.13
N THR A 229 18.09 28.54 -13.36
CA THR A 229 18.96 29.66 -13.67
C THR A 229 18.25 30.93 -14.13
N ALA A 230 16.94 30.87 -14.35
CA ALA A 230 16.26 32.04 -14.90
C ALA A 230 15.96 33.10 -13.85
N LEU A 231 15.80 32.69 -12.58
CA LEU A 231 15.14 33.55 -11.60
C LEU A 231 16.05 34.04 -10.49
N TYR A 232 15.70 35.23 -9.95
CA TYR A 232 16.41 35.84 -8.84
C TYR A 232 15.41 36.13 -7.71
N CYS A 233 15.88 36.04 -6.48
CA CYS A 233 15.07 36.40 -5.33
C CYS A 233 14.91 37.91 -5.17
N THR A 234 15.82 38.68 -5.80
CA THR A 234 15.94 40.11 -5.60
C THR A 234 15.31 40.91 -6.73
N HIS A 235 15.14 42.22 -6.50
CA HIS A 235 14.58 43.12 -7.48
C HIS A 235 15.58 43.39 -8.61
N MET A 236 15.03 43.80 -9.74
CA MET A 236 15.77 44.00 -10.99
C MET A 236 16.97 44.94 -10.82
N ASP A 237 16.96 45.83 -9.84
CA ASP A 237 18.03 46.84 -9.79
C ASP A 237 18.91 46.69 -8.56
N ASP A 238 18.92 45.49 -7.93
CA ASP A 238 19.93 45.16 -6.93
C ASP A 238 21.29 45.04 -7.61
N PRO A 239 22.34 45.75 -7.15
CA PRO A 239 23.68 45.53 -7.71
C PRO A 239 24.28 44.22 -7.21
N SER A 240 23.61 43.57 -6.25
CA SER A 240 24.06 42.33 -5.64
C SER A 240 22.98 41.28 -5.82
N PRO A 241 22.80 40.76 -7.05
CA PRO A 241 21.72 39.79 -7.26
C PRO A 241 21.83 38.54 -6.36
N ARG A 242 20.68 37.95 -5.97
CA ARG A 242 20.65 36.68 -5.25
C ARG A 242 19.83 35.70 -6.09
N GLU A 243 20.46 34.65 -6.59
CA GLU A 243 19.78 33.66 -7.42
C GLU A 243 18.70 32.93 -6.64
N MET A 244 17.62 32.58 -7.35
CA MET A 244 16.58 31.78 -6.78
C MET A 244 16.89 30.31 -7.05
N ILE A 245 17.54 29.67 -6.06
CA ILE A 245 18.00 28.28 -6.11
C ILE A 245 17.72 27.65 -4.78
N ASN A 246 17.62 26.32 -4.78
CA ASN A 246 17.54 25.55 -3.52
C ASN A 246 16.38 26.03 -2.64
N ASN A 247 15.23 26.29 -3.27
CA ASN A 247 14.08 26.86 -2.58
C ASN A 247 13.18 25.72 -2.14
N PHE A 248 13.75 24.75 -1.41
CA PHE A 248 13.03 23.62 -0.86
C PHE A 248 13.38 23.52 0.60
N ARG A 249 12.45 23.03 1.43
CA ARG A 249 12.69 22.85 2.84
C ARG A 249 13.21 21.44 3.07
N GLN A 250 14.12 21.25 4.03
CA GLN A 250 14.56 19.91 4.36
C GLN A 250 13.38 19.13 4.92
N VAL A 251 13.44 17.80 4.80
CA VAL A 251 12.41 16.94 5.38
C VAL A 251 12.41 17.05 6.91
N GLN A 252 11.22 16.86 7.48
CA GLN A 252 10.95 17.03 8.89
C GLN A 252 10.88 15.68 9.58
N LYS A 253 11.06 15.68 10.90
CA LYS A 253 10.74 14.51 11.69
C LYS A 253 9.29 14.08 11.50
N PHE A 254 9.07 12.76 11.47
CA PHE A 254 7.75 12.22 11.29
C PHE A 254 7.68 10.94 12.09
N ASP A 255 7.25 11.10 13.34
CA ASP A 255 7.25 10.02 14.34
C ASP A 255 5.86 9.85 14.93
N GLU A 256 5.56 8.58 15.23
CA GLU A 256 4.30 8.08 15.77
C GLU A 256 3.14 8.41 14.85
N ARG A 257 3.43 8.49 13.53
CA ARG A 257 2.44 8.85 12.54
C ARG A 257 2.74 8.16 11.23
N LEU A 258 1.67 8.03 10.42
CA LEU A 258 1.70 7.27 9.19
C LEU A 258 1.31 8.14 8.00
N VAL A 259 1.83 7.72 6.85
CA VAL A 259 1.39 8.17 5.55
C VAL A 259 0.50 7.07 5.00
N TYR A 260 -0.66 7.44 4.46
CA TYR A 260 -1.58 6.44 3.91
C TYR A 260 -1.39 6.40 2.41
N THR A 261 -1.44 5.19 1.83
CA THR A 261 -1.25 5.06 0.41
C THR A 261 -2.46 4.39 -0.25
N SER A 262 -2.71 4.78 -1.50
CA SER A 262 -3.79 4.19 -2.27
C SER A 262 -3.33 2.98 -3.09
N PHE A 263 -2.06 2.62 -2.96
CA PHE A 263 -1.41 1.51 -3.64
C PHE A 263 -0.71 0.71 -2.54
N SER A 264 -0.44 -0.55 -2.81
CA SER A 264 0.20 -1.46 -1.85
C SER A 264 1.64 -1.75 -2.25
N LYS B 5 -20.71 5.12 -9.42
CA LYS B 5 -21.36 4.72 -8.14
C LYS B 5 -21.19 3.22 -7.86
N TRP B 6 -21.34 2.34 -8.88
CA TRP B 6 -20.87 0.98 -8.73
C TRP B 6 -20.19 0.53 -10.01
N THR B 7 -19.20 -0.36 -9.84
CA THR B 7 -18.40 -0.87 -10.94
C THR B 7 -18.16 -2.37 -10.72
N TYR B 8 -17.33 -2.96 -11.59
CA TYR B 8 -16.81 -4.31 -11.41
C TYR B 8 -15.31 -4.37 -11.08
N PHE B 9 -14.70 -3.22 -10.83
CA PHE B 9 -13.25 -3.19 -10.67
C PHE B 9 -12.86 -1.98 -9.85
N GLY B 10 -12.15 -2.20 -8.74
CA GLY B 10 -11.57 -1.09 -7.97
C GLY B 10 -12.41 -0.79 -6.74
N PRO B 11 -12.31 0.41 -6.15
CA PRO B 11 -13.02 0.75 -4.91
C PRO B 11 -14.54 0.56 -4.93
N ASP B 12 -15.21 0.77 -6.08
CA ASP B 12 -16.66 0.60 -6.20
C ASP B 12 -17.09 -0.79 -6.70
N GLY B 13 -16.12 -1.71 -6.73
CA GLY B 13 -16.30 -3.08 -7.19
C GLY B 13 -17.18 -3.91 -6.25
N GLU B 14 -17.32 -5.19 -6.59
CA GLU B 14 -18.39 -5.99 -6.03
C GLU B 14 -18.24 -6.22 -4.54
N ASN B 15 -17.02 -6.32 -3.99
CA ASN B 15 -16.87 -6.51 -2.54
C ASN B 15 -17.33 -5.29 -1.75
N SER B 16 -17.49 -4.15 -2.43
CA SER B 16 -17.90 -2.91 -1.80
C SER B 16 -19.37 -2.60 -2.08
N TRP B 17 -20.06 -3.35 -2.95
CA TRP B 17 -21.46 -3.04 -3.23
C TRP B 17 -22.32 -2.94 -1.97
N SER B 18 -22.04 -3.79 -0.97
CA SER B 18 -22.87 -3.85 0.21
C SER B 18 -22.89 -2.51 0.94
N LYS B 19 -21.85 -1.68 0.79
CA LYS B 19 -21.75 -0.42 1.51
C LYS B 19 -22.77 0.59 1.00
N LYS B 20 -23.23 0.45 -0.25
CA LYS B 20 -24.20 1.35 -0.85
C LYS B 20 -25.56 0.71 -1.02
N TYR B 21 -25.59 -0.62 -1.15
CA TYR B 21 -26.75 -1.39 -1.55
C TYR B 21 -26.83 -2.58 -0.60
N PRO B 22 -27.50 -2.45 0.56
CA PRO B 22 -27.39 -3.47 1.59
C PRO B 22 -27.75 -4.90 1.14
N SER B 23 -28.69 -5.03 0.20
CA SER B 23 -29.12 -6.35 -0.24
C SER B 23 -27.96 -7.13 -0.88
N CYS B 24 -26.91 -6.46 -1.37
CA CYS B 24 -25.80 -7.14 -2.00
C CYS B 24 -25.03 -7.98 -0.97
N GLY B 25 -25.22 -7.70 0.33
CA GLY B 25 -24.65 -8.50 1.40
C GLY B 25 -25.67 -9.40 2.10
N GLY B 26 -26.87 -9.48 1.55
CA GLY B 26 -27.95 -10.19 2.19
C GLY B 26 -28.07 -11.61 1.62
N LEU B 27 -29.28 -12.16 1.76
CA LEU B 27 -29.51 -13.54 1.42
C LEU B 27 -29.84 -13.67 -0.08
N LEU B 28 -29.79 -14.92 -0.54
CA LEU B 28 -30.34 -15.36 -1.83
C LEU B 28 -29.59 -14.72 -3.00
N GLN B 29 -28.29 -14.47 -2.83
CA GLN B 29 -27.53 -13.81 -3.88
C GLN B 29 -27.16 -14.72 -5.06
N SER B 30 -27.19 -14.11 -6.23
CA SER B 30 -26.82 -14.73 -7.49
C SER B 30 -25.57 -14.04 -8.01
N PRO B 31 -24.76 -14.61 -8.95
CA PRO B 31 -24.95 -15.92 -9.55
C PRO B 31 -24.29 -16.98 -8.66
N ILE B 32 -24.41 -18.22 -9.13
CA ILE B 32 -23.91 -19.36 -8.37
C ILE B 32 -23.27 -20.38 -9.33
N ASP B 33 -22.48 -21.28 -8.73
CA ASP B 33 -21.94 -22.41 -9.47
C ASP B 33 -22.93 -23.56 -9.42
N LEU B 34 -23.32 -24.01 -10.62
CA LEU B 34 -24.29 -25.06 -10.77
C LEU B 34 -23.49 -26.36 -10.80
N HIS B 35 -23.54 -27.12 -9.70
CA HIS B 35 -22.71 -28.32 -9.54
C HIS B 35 -23.53 -29.40 -8.84
N SER B 36 -23.14 -30.66 -9.00
CA SER B 36 -23.96 -31.81 -8.64
C SER B 36 -24.47 -31.76 -7.20
N ASP B 37 -23.60 -31.37 -6.27
CA ASP B 37 -23.90 -31.40 -4.85
C ASP B 37 -25.15 -30.58 -4.49
N ILE B 38 -25.49 -29.56 -5.29
CA ILE B 38 -26.62 -28.69 -4.95
C ILE B 38 -27.79 -28.80 -5.94
N LEU B 39 -27.72 -29.77 -6.86
CA LEU B 39 -28.76 -30.01 -7.86
C LEU B 39 -29.73 -31.11 -7.41
N GLN B 40 -30.99 -30.97 -7.81
CA GLN B 40 -31.95 -32.04 -7.69
C GLN B 40 -32.91 -32.00 -8.86
N TYR B 41 -33.13 -33.17 -9.45
CA TYR B 41 -34.03 -33.33 -10.56
C TYR B 41 -35.45 -33.18 -10.02
N ASP B 42 -36.22 -32.33 -10.67
CA ASP B 42 -37.62 -32.14 -10.35
C ASP B 42 -38.45 -32.35 -11.61
N ALA B 43 -39.04 -33.55 -11.67
CA ALA B 43 -39.80 -34.03 -12.84
C ALA B 43 -41.04 -33.19 -13.11
N SER B 44 -41.46 -32.38 -12.17
CA SER B 44 -42.64 -31.55 -12.36
C SER B 44 -42.36 -30.27 -13.17
N LEU B 45 -41.08 -29.98 -13.41
CA LEU B 45 -40.70 -28.77 -14.16
C LEU B 45 -41.03 -28.93 -15.65
N THR B 46 -41.95 -28.08 -16.13
CA THR B 46 -42.46 -28.20 -17.49
C THR B 46 -41.79 -27.18 -18.38
N PRO B 47 -41.82 -27.37 -19.72
CA PRO B 47 -41.24 -26.38 -20.62
C PRO B 47 -41.92 -25.04 -20.46
N LEU B 48 -41.12 -23.98 -20.38
CA LEU B 48 -41.71 -22.67 -20.49
C LEU B 48 -42.17 -22.44 -21.93
N GLU B 49 -43.13 -21.53 -22.11
CA GLU B 49 -43.52 -21.11 -23.44
C GLU B 49 -43.21 -19.63 -23.63
N PHE B 50 -42.61 -19.32 -24.78
CA PHE B 50 -42.15 -17.96 -25.06
C PHE B 50 -43.13 -17.33 -26.04
N GLN B 51 -43.94 -16.39 -25.57
CA GLN B 51 -45.05 -15.87 -26.35
C GLN B 51 -44.72 -14.44 -26.73
N GLY B 52 -45.04 -14.09 -27.96
CA GLY B 52 -44.77 -12.74 -28.42
C GLY B 52 -43.28 -12.45 -28.56
N TYR B 53 -42.43 -13.47 -28.72
CA TYR B 53 -40.99 -13.29 -28.87
C TYR B 53 -40.65 -12.90 -30.31
N ASN B 54 -41.53 -13.21 -31.27
CA ASN B 54 -41.30 -12.86 -32.67
C ASN B 54 -41.65 -11.39 -32.86
N LEU B 55 -40.72 -10.50 -32.53
CA LEU B 55 -40.99 -9.07 -32.57
C LEU B 55 -41.11 -8.66 -34.03
N SER B 56 -42.01 -7.72 -34.28
CA SER B 56 -42.25 -7.20 -35.60
C SER B 56 -41.01 -6.55 -36.20
N ALA B 57 -40.69 -7.02 -37.41
CA ALA B 57 -39.59 -6.46 -38.19
C ALA B 57 -39.87 -5.01 -38.60
N ASN B 58 -41.14 -4.58 -38.52
CA ASN B 58 -41.55 -3.20 -38.81
C ASN B 58 -41.48 -2.28 -37.59
N LYS B 59 -41.08 -2.82 -36.44
CA LYS B 59 -40.87 -2.03 -35.24
C LYS B 59 -39.35 -1.97 -35.02
N GLN B 60 -38.94 -1.06 -34.13
CA GLN B 60 -37.58 -0.87 -33.69
C GLN B 60 -37.52 -0.88 -32.18
N PHE B 61 -36.40 -1.40 -31.66
CA PHE B 61 -36.21 -1.55 -30.23
C PHE B 61 -34.91 -0.87 -29.84
N LEU B 62 -34.96 -0.17 -28.71
CA LEU B 62 -33.86 0.69 -28.31
C LEU B 62 -32.72 -0.11 -27.65
N LEU B 63 -31.50 0.01 -28.19
CA LEU B 63 -30.28 -0.55 -27.64
C LEU B 63 -29.50 0.59 -26.97
N THR B 64 -29.16 0.44 -25.68
CA THR B 64 -28.45 1.45 -24.90
C THR B 64 -27.19 0.84 -24.28
N ASN B 65 -26.07 1.58 -24.34
CA ASN B 65 -24.92 1.39 -23.45
C ASN B 65 -25.24 2.18 -22.16
N ASN B 66 -25.47 1.48 -21.05
CA ASN B 66 -25.88 2.12 -19.81
C ASN B 66 -24.70 2.32 -18.87
N GLY B 67 -23.45 2.15 -19.35
CA GLY B 67 -22.28 2.29 -18.50
C GLY B 67 -21.91 1.05 -17.68
N HIS B 68 -22.76 0.02 -17.70
CA HIS B 68 -22.47 -1.26 -17.05
C HIS B 68 -22.57 -2.46 -18.00
N SER B 69 -23.49 -2.40 -18.98
CA SER B 69 -23.69 -3.42 -19.99
C SER B 69 -24.25 -2.75 -21.23
N VAL B 70 -24.61 -3.56 -22.21
CA VAL B 70 -25.41 -3.13 -23.32
C VAL B 70 -26.78 -3.79 -23.13
N LYS B 71 -27.85 -3.00 -23.27
CA LYS B 71 -29.18 -3.49 -23.01
C LYS B 71 -30.13 -3.15 -24.17
N LEU B 72 -31.02 -4.09 -24.46
CA LEU B 72 -32.04 -3.91 -25.47
C LEU B 72 -33.39 -3.87 -24.75
N ASN B 73 -34.17 -2.80 -24.95
CA ASN B 73 -35.50 -2.76 -24.42
C ASN B 73 -36.41 -3.74 -25.15
N LEU B 74 -37.31 -4.36 -24.39
CA LEU B 74 -38.21 -5.35 -24.91
C LEU B 74 -39.60 -4.91 -24.51
N PRO B 75 -40.61 -5.29 -25.33
CA PRO B 75 -41.99 -4.93 -25.02
C PRO B 75 -42.71 -5.90 -24.08
N SER B 76 -43.73 -5.40 -23.40
CA SER B 76 -44.51 -6.16 -22.42
C SER B 76 -45.38 -7.22 -23.12
N ASP B 77 -45.47 -7.21 -24.45
CA ASP B 77 -46.28 -8.28 -25.02
C ASP B 77 -45.50 -9.57 -25.21
N MET B 78 -44.17 -9.56 -24.93
CA MET B 78 -43.40 -10.79 -24.75
C MET B 78 -43.69 -11.34 -23.36
N HIS B 79 -44.13 -12.60 -23.29
CA HIS B 79 -44.54 -13.22 -22.02
C HIS B 79 -43.79 -14.54 -21.91
N ILE B 80 -43.51 -14.93 -20.66
CA ILE B 80 -43.23 -16.32 -20.30
C ILE B 80 -44.54 -16.94 -19.81
N GLN B 81 -44.92 -18.10 -20.36
CA GLN B 81 -46.02 -18.90 -19.82
C GLN B 81 -45.43 -20.16 -19.20
N GLY B 82 -46.02 -20.56 -18.06
CA GLY B 82 -45.71 -21.79 -17.35
C GLY B 82 -45.49 -21.60 -15.85
N LEU B 83 -45.29 -20.37 -15.37
CA LEU B 83 -45.08 -20.12 -13.96
C LEU B 83 -46.43 -19.79 -13.29
N GLN B 84 -46.43 -19.60 -11.95
CA GLN B 84 -47.66 -19.34 -11.20
C GLN B 84 -48.33 -18.07 -11.73
N SER B 85 -47.50 -17.05 -11.98
CA SER B 85 -47.88 -15.80 -12.61
C SER B 85 -47.29 -15.73 -14.02
N ARG B 86 -47.96 -14.95 -14.90
CA ARG B 86 -47.39 -14.50 -16.15
C ARG B 86 -46.25 -13.52 -15.86
N TYR B 87 -45.09 -13.70 -16.54
CA TYR B 87 -44.01 -12.71 -16.52
C TYR B 87 -43.92 -12.09 -17.91
N SER B 88 -43.76 -10.78 -17.91
CA SER B 88 -43.65 -10.01 -19.14
C SER B 88 -42.22 -9.45 -19.27
N ALA B 89 -41.73 -9.33 -20.50
CA ALA B 89 -40.36 -8.90 -20.73
C ALA B 89 -40.21 -7.41 -20.46
N THR B 90 -39.01 -7.01 -20.02
CA THR B 90 -38.63 -5.63 -19.91
C THR B 90 -37.35 -5.32 -20.70
N GLN B 91 -36.32 -6.17 -20.66
CA GLN B 91 -35.09 -5.86 -21.36
C GLN B 91 -34.24 -7.12 -21.39
N LEU B 92 -33.23 -7.10 -22.29
CA LEU B 92 -32.16 -8.08 -22.25
C LEU B 92 -30.81 -7.37 -22.25
N HIS B 93 -29.79 -8.07 -21.71
CA HIS B 93 -28.44 -7.53 -21.64
C HIS B 93 -27.44 -8.70 -21.51
N LEU B 94 -26.13 -8.38 -21.57
CA LEU B 94 -25.10 -9.41 -21.49
C LEU B 94 -24.05 -9.11 -20.43
N HIS B 95 -23.25 -10.14 -20.16
CA HIS B 95 -22.08 -10.09 -19.30
C HIS B 95 -20.96 -10.82 -20.03
N TRP B 96 -19.74 -10.31 -19.88
CA TRP B 96 -18.57 -10.90 -20.55
C TRP B 96 -17.29 -10.57 -19.82
N GLY B 97 -16.19 -11.17 -20.34
CA GLY B 97 -14.87 -11.08 -19.73
C GLY B 97 -13.99 -10.07 -20.46
N ASN B 98 -12.84 -10.57 -20.95
CA ASN B 98 -11.88 -9.73 -21.67
C ASN B 98 -11.02 -10.60 -22.60
N PRO B 99 -10.37 -9.99 -23.61
CA PRO B 99 -9.61 -10.79 -24.57
C PRO B 99 -8.54 -11.71 -23.99
N ASN B 100 -7.92 -11.31 -22.88
CA ASN B 100 -6.85 -12.07 -22.26
C ASN B 100 -7.41 -13.22 -21.43
N ASP B 101 -8.68 -13.11 -21.04
CA ASP B 101 -9.32 -14.14 -20.24
C ASP B 101 -10.79 -14.20 -20.59
N PRO B 102 -11.11 -14.79 -21.75
CA PRO B 102 -12.47 -14.67 -22.32
C PRO B 102 -13.45 -15.66 -21.74
N HIS B 103 -13.69 -15.54 -20.42
CA HIS B 103 -14.52 -16.46 -19.66
C HIS B 103 -15.33 -15.69 -18.61
N GLY B 104 -16.29 -14.88 -19.11
CA GLY B 104 -17.04 -13.93 -18.31
C GLY B 104 -18.55 -14.17 -18.16
N SER B 105 -18.98 -15.44 -18.24
CA SER B 105 -20.33 -15.76 -17.77
C SER B 105 -20.44 -15.48 -16.28
N GLU B 106 -21.68 -15.31 -15.82
CA GLU B 106 -21.96 -15.11 -14.41
C GLU B 106 -22.15 -16.44 -13.71
N HIS B 107 -23.11 -17.25 -14.19
CA HIS B 107 -23.22 -18.60 -13.71
C HIS B 107 -22.05 -19.45 -14.23
N THR B 108 -21.66 -20.40 -13.41
CA THR B 108 -20.70 -21.42 -13.84
C THR B 108 -21.36 -22.78 -13.75
N VAL B 109 -20.82 -23.77 -14.50
CA VAL B 109 -21.34 -25.12 -14.48
C VAL B 109 -20.15 -26.03 -14.14
N SER B 110 -20.24 -26.70 -13.01
CA SER B 110 -19.15 -27.57 -12.57
C SER B 110 -17.84 -26.78 -12.57
N GLY B 111 -17.91 -25.55 -12.06
CA GLY B 111 -16.77 -24.67 -11.86
C GLY B 111 -16.31 -23.94 -13.11
N GLN B 112 -16.91 -24.21 -14.27
CA GLN B 112 -16.44 -23.65 -15.51
C GLN B 112 -17.28 -22.43 -15.89
N HIS B 113 -16.55 -21.33 -16.17
CA HIS B 113 -17.17 -20.21 -16.84
C HIS B 113 -17.40 -20.54 -18.30
N PHE B 114 -18.41 -19.92 -18.87
CA PHE B 114 -18.56 -19.81 -20.30
C PHE B 114 -18.05 -18.43 -20.71
N ALA B 115 -17.99 -18.19 -22.02
CA ALA B 115 -17.40 -16.97 -22.54
C ALA B 115 -18.20 -15.74 -22.10
N ALA B 116 -19.54 -15.86 -22.11
CA ALA B 116 -20.42 -14.73 -21.83
C ALA B 116 -21.77 -15.31 -21.39
N GLU B 117 -22.72 -14.42 -21.11
CA GLU B 117 -24.07 -14.79 -20.67
C GLU B 117 -25.05 -13.70 -21.08
N LEU B 118 -26.17 -14.17 -21.64
CA LEU B 118 -27.31 -13.33 -22.01
C LEU B 118 -28.38 -13.53 -20.94
N HIS B 119 -28.97 -12.38 -20.52
CA HIS B 119 -30.12 -12.36 -19.59
C HIS B 119 -31.30 -11.64 -20.22
N ILE B 120 -32.47 -12.31 -20.18
CA ILE B 120 -33.73 -11.73 -20.63
C ILE B 120 -34.58 -11.54 -19.37
N VAL B 121 -34.72 -10.29 -18.96
CA VAL B 121 -35.37 -9.89 -17.70
C VAL B 121 -36.87 -9.69 -17.94
N HIS B 122 -37.64 -10.41 -17.13
CA HIS B 122 -39.08 -10.26 -17.07
C HIS B 122 -39.54 -9.85 -15.67
N TYR B 123 -40.77 -9.33 -15.61
CA TYR B 123 -41.41 -8.94 -14.35
C TYR B 123 -42.83 -9.51 -14.24
N ASN B 124 -43.26 -9.73 -12.99
CA ASN B 124 -44.57 -10.32 -12.71
C ASN B 124 -45.64 -9.26 -13.00
N SER B 125 -46.19 -9.34 -14.21
CA SER B 125 -47.18 -8.39 -14.71
C SER B 125 -48.57 -8.73 -14.21
N ASP B 126 -48.80 -9.96 -13.72
CA ASP B 126 -50.10 -10.25 -13.10
C ASP B 126 -50.24 -9.50 -11.78
N LEU B 127 -49.14 -9.37 -11.02
CA LEU B 127 -49.19 -8.81 -9.67
C LEU B 127 -48.79 -7.33 -9.61
N TYR B 128 -47.98 -6.83 -10.55
CA TYR B 128 -47.38 -5.52 -10.43
C TYR B 128 -47.50 -4.77 -11.74
N PRO B 129 -47.52 -3.43 -11.70
CA PRO B 129 -47.80 -2.64 -12.90
C PRO B 129 -46.62 -2.43 -13.83
N ASP B 130 -45.39 -2.68 -13.37
CA ASP B 130 -44.22 -2.34 -14.14
C ASP B 130 -43.02 -3.02 -13.46
N ALA B 131 -41.88 -3.10 -14.16
CA ALA B 131 -40.74 -3.84 -13.67
C ALA B 131 -40.09 -3.15 -12.46
N SER B 132 -40.06 -1.82 -12.50
CA SER B 132 -39.42 -1.06 -11.46
C SER B 132 -40.18 -1.31 -10.14
N THR B 133 -41.52 -1.34 -10.19
CA THR B 133 -42.36 -1.60 -9.02
C THR B 133 -42.15 -3.05 -8.55
N ALA B 134 -42.09 -3.98 -9.50
CA ALA B 134 -41.87 -5.40 -9.21
C ALA B 134 -40.53 -5.75 -8.59
N SER B 135 -39.51 -4.92 -8.80
CA SER B 135 -38.13 -5.38 -8.65
C SER B 135 -37.77 -5.65 -7.19
N ASN B 136 -38.47 -4.96 -6.27
CA ASN B 136 -38.18 -5.13 -4.86
C ASN B 136 -39.32 -5.84 -4.12
N LYS B 137 -40.20 -6.53 -4.86
CA LYS B 137 -41.38 -7.13 -4.27
C LYS B 137 -41.37 -8.66 -4.44
N SER B 138 -42.28 -9.29 -3.70
CA SER B 138 -42.34 -10.73 -3.65
C SER B 138 -42.62 -11.29 -5.04
N GLU B 139 -41.81 -12.24 -5.51
CA GLU B 139 -42.04 -12.87 -6.80
C GLU B 139 -42.03 -11.86 -7.93
N GLY B 140 -41.25 -10.79 -7.77
CA GLY B 140 -41.30 -9.69 -8.71
C GLY B 140 -40.72 -10.01 -10.09
N LEU B 141 -39.61 -10.80 -10.18
CA LEU B 141 -38.79 -10.87 -11.40
C LEU B 141 -38.55 -12.32 -11.80
N ALA B 142 -38.35 -12.54 -13.12
CA ALA B 142 -37.91 -13.82 -13.63
C ALA B 142 -36.94 -13.47 -14.74
N VAL B 143 -35.75 -14.10 -14.68
CA VAL B 143 -34.70 -13.91 -15.66
C VAL B 143 -34.40 -15.25 -16.33
N LEU B 144 -34.33 -15.19 -17.66
CA LEU B 144 -33.82 -16.31 -18.46
C LEU B 144 -32.34 -16.07 -18.73
N ALA B 145 -31.50 -17.10 -18.49
CA ALA B 145 -30.07 -16.99 -18.71
C ALA B 145 -29.68 -18.00 -19.78
N VAL B 146 -28.92 -17.49 -20.77
CA VAL B 146 -28.32 -18.27 -21.84
C VAL B 146 -26.80 -18.17 -21.67
N LEU B 147 -26.17 -19.33 -21.51
CA LEU B 147 -24.71 -19.43 -21.48
C LEU B 147 -24.14 -19.39 -22.90
N ILE B 148 -23.06 -18.66 -23.11
CA ILE B 148 -22.52 -18.41 -24.43
C ILE B 148 -21.08 -18.92 -24.47
N GLU B 149 -20.79 -19.72 -25.48
CA GLU B 149 -19.46 -20.27 -25.69
C GLU B 149 -18.92 -19.79 -27.03
N MET B 150 -17.59 -19.72 -27.13
CA MET B 150 -16.98 -19.30 -28.38
C MET B 150 -16.91 -20.50 -29.33
N GLY B 151 -17.42 -20.33 -30.54
CA GLY B 151 -17.24 -21.34 -31.59
C GLY B 151 -17.78 -20.81 -32.93
N SER B 152 -18.98 -21.27 -33.32
CA SER B 152 -19.61 -20.83 -34.56
C SER B 152 -20.21 -19.42 -34.46
N PHE B 153 -20.11 -18.69 -35.58
CA PHE B 153 -20.84 -17.47 -35.82
C PHE B 153 -22.32 -17.72 -35.61
N ASN B 154 -22.98 -16.72 -35.04
CA ASN B 154 -24.39 -16.80 -34.70
C ASN B 154 -25.14 -15.66 -35.37
N PRO B 155 -25.83 -15.91 -36.49
CA PRO B 155 -26.57 -14.84 -37.19
C PRO B 155 -27.57 -14.12 -36.31
N SER B 156 -28.23 -14.83 -35.40
CA SER B 156 -29.25 -14.20 -34.58
C SER B 156 -28.64 -13.22 -33.58
N TYR B 157 -27.58 -13.63 -32.89
CA TYR B 157 -26.91 -12.70 -31.99
C TYR B 157 -26.32 -11.52 -32.76
N ASP B 158 -25.96 -11.72 -34.03
CA ASP B 158 -25.42 -10.64 -34.83
C ASP B 158 -26.45 -9.54 -35.06
N LYS B 159 -27.74 -9.86 -34.95
CA LYS B 159 -28.75 -8.81 -35.07
C LYS B 159 -28.56 -7.77 -33.98
N ILE B 160 -28.01 -8.16 -32.83
CA ILE B 160 -27.64 -7.19 -31.80
C ILE B 160 -26.19 -6.71 -32.01
N PHE B 161 -25.24 -7.64 -32.17
CA PHE B 161 -23.83 -7.28 -32.12
C PHE B 161 -23.41 -6.40 -33.29
N SER B 162 -24.11 -6.46 -34.43
CA SER B 162 -23.74 -5.63 -35.57
C SER B 162 -23.86 -4.14 -35.24
N HIS B 163 -24.57 -3.79 -34.14
CA HIS B 163 -24.80 -2.40 -33.71
C HIS B 163 -23.80 -1.93 -32.66
N LEU B 164 -22.91 -2.81 -32.17
CA LEU B 164 -22.04 -2.45 -31.03
C LEU B 164 -21.17 -1.22 -31.28
N GLN B 165 -20.62 -1.09 -32.48
CA GLN B 165 -19.68 -0.01 -32.77
C GLN B 165 -20.44 1.31 -32.91
N HIS B 166 -21.76 1.32 -32.72
CA HIS B 166 -22.53 2.55 -32.67
C HIS B 166 -23.16 2.79 -31.32
N VAL B 167 -22.82 2.02 -30.29
CA VAL B 167 -23.18 2.36 -28.92
C VAL B 167 -21.95 2.20 -28.02
N LYS B 168 -20.83 2.73 -28.51
CA LYS B 168 -19.52 2.52 -27.88
C LYS B 168 -19.43 3.13 -26.49
N TYR B 169 -20.15 4.24 -26.24
CA TYR B 169 -19.92 5.02 -25.03
C TYR B 169 -21.21 5.12 -24.21
N LYS B 170 -21.03 5.43 -22.93
CA LYS B 170 -22.16 5.52 -22.03
C LYS B 170 -23.21 6.50 -22.53
N GLY B 171 -24.46 6.09 -22.44
CA GLY B 171 -25.61 6.90 -22.77
C GLY B 171 -25.98 6.81 -24.25
N GLN B 172 -25.09 6.28 -25.10
CA GLN B 172 -25.41 6.19 -26.52
C GLN B 172 -26.45 5.12 -26.81
N GLU B 173 -27.25 5.37 -27.86
CA GLU B 173 -28.40 4.54 -28.20
C GLU B 173 -28.42 4.25 -29.68
N ALA B 174 -29.00 3.12 -30.06
CA ALA B 174 -29.20 2.69 -31.43
C ALA B 174 -30.54 1.96 -31.49
N PHE B 175 -31.04 1.77 -32.71
CA PHE B 175 -32.32 1.12 -32.91
C PHE B 175 -32.05 -0.22 -33.57
N VAL B 176 -32.71 -1.23 -33.02
CA VAL B 176 -32.62 -2.57 -33.56
C VAL B 176 -33.98 -2.97 -34.11
N PRO B 177 -34.12 -3.28 -35.42
CA PRO B 177 -35.37 -3.82 -35.92
C PRO B 177 -35.78 -5.10 -35.21
N GLY B 178 -37.08 -5.34 -35.12
CA GLY B 178 -37.57 -6.52 -34.46
C GLY B 178 -37.11 -7.79 -35.15
N PHE B 179 -36.80 -8.77 -34.32
CA PHE B 179 -36.50 -10.10 -34.78
C PHE B 179 -37.01 -11.04 -33.72
N ASN B 180 -36.92 -12.33 -34.03
CA ASN B 180 -37.42 -13.37 -33.16
C ASN B 180 -36.41 -13.63 -32.04
N ILE B 181 -36.70 -13.10 -30.86
CA ILE B 181 -35.85 -13.21 -29.69
C ILE B 181 -35.66 -14.68 -29.30
N GLU B 182 -36.61 -15.55 -29.65
CA GLU B 182 -36.44 -16.97 -29.35
C GLU B 182 -35.21 -17.56 -30.07
N GLU B 183 -34.75 -16.91 -31.15
CA GLU B 183 -33.57 -17.38 -31.86
C GLU B 183 -32.28 -17.20 -31.04
N LEU B 184 -32.32 -16.42 -29.95
CA LEU B 184 -31.17 -16.31 -29.06
C LEU B 184 -31.09 -17.46 -28.05
N LEU B 185 -32.16 -18.25 -27.95
CA LEU B 185 -32.20 -19.35 -26.99
C LEU B 185 -31.49 -20.58 -27.52
N PRO B 186 -30.96 -21.45 -26.64
CA PRO B 186 -30.25 -22.64 -27.09
C PRO B 186 -31.21 -23.72 -27.50
N GLU B 187 -30.64 -24.85 -27.89
CA GLU B 187 -31.42 -26.04 -28.16
C GLU B 187 -31.97 -26.57 -26.82
N ARG B 188 -33.10 -27.25 -26.92
CA ARG B 188 -33.68 -28.02 -25.83
C ARG B 188 -33.90 -27.11 -24.60
N THR B 189 -34.65 -26.02 -24.83
CA THR B 189 -35.00 -25.11 -23.76
C THR B 189 -35.82 -25.77 -22.67
N ALA B 190 -36.39 -26.96 -22.91
CA ALA B 190 -37.07 -27.72 -21.87
C ALA B 190 -36.11 -28.12 -20.74
N GLU B 191 -34.81 -28.11 -21.05
CA GLU B 191 -33.75 -28.51 -20.11
C GLU B 191 -33.13 -27.27 -19.48
N TYR B 192 -33.33 -27.12 -18.16
CA TYR B 192 -32.87 -25.92 -17.49
C TYR B 192 -32.66 -26.19 -16.00
N TYR B 193 -31.92 -25.24 -15.40
CA TYR B 193 -31.73 -25.12 -13.95
C TYR B 193 -32.67 -24.02 -13.45
N ARG B 194 -33.28 -24.24 -12.28
CA ARG B 194 -34.22 -23.30 -11.70
C ARG B 194 -33.88 -23.07 -10.23
N TYR B 195 -33.80 -21.78 -9.82
CA TYR B 195 -33.60 -21.47 -8.39
C TYR B 195 -34.06 -20.04 -8.10
N ARG B 196 -34.28 -19.79 -6.81
CA ARG B 196 -34.58 -18.48 -6.32
C ARG B 196 -33.31 -17.74 -5.96
N GLY B 197 -33.12 -16.56 -6.54
CA GLY B 197 -31.95 -15.77 -6.26
C GLY B 197 -32.23 -14.28 -6.42
N SER B 198 -31.27 -13.56 -6.92
CA SER B 198 -31.20 -12.12 -6.85
C SER B 198 -30.84 -11.51 -8.18
N LEU B 199 -31.04 -10.19 -8.29
CA LEU B 199 -30.26 -9.43 -9.27
C LEU B 199 -28.77 -9.64 -9.01
N THR B 200 -27.98 -9.69 -10.09
CA THR B 200 -26.53 -9.90 -9.98
C THR B 200 -25.81 -8.55 -10.01
N THR B 201 -26.59 -7.46 -10.05
CA THR B 201 -26.03 -6.13 -9.93
C THR B 201 -26.76 -5.42 -8.81
N PRO B 202 -26.18 -4.32 -8.27
CA PRO B 202 -26.99 -3.43 -7.41
C PRO B 202 -28.34 -3.09 -8.03
N PRO B 203 -29.44 -3.04 -7.26
CA PRO B 203 -29.38 -3.21 -5.80
C PRO B 203 -29.41 -4.61 -5.22
N CYS B 204 -29.27 -5.64 -6.08
CA CYS B 204 -29.11 -7.01 -5.61
C CYS B 204 -30.36 -7.58 -4.94
N ASN B 205 -31.52 -7.08 -5.37
CA ASN B 205 -32.76 -7.46 -4.72
C ASN B 205 -32.93 -8.98 -4.80
N PRO B 206 -33.31 -9.68 -3.69
CA PRO B 206 -33.49 -11.14 -3.73
C PRO B 206 -34.87 -11.58 -4.23
N THR B 207 -35.23 -11.10 -5.43
CA THR B 207 -36.60 -11.22 -5.92
C THR B 207 -36.63 -11.92 -7.28
N VAL B 208 -35.54 -12.59 -7.72
CA VAL B 208 -35.49 -13.18 -9.04
C VAL B 208 -35.73 -14.70 -8.99
N LEU B 209 -36.64 -15.20 -9.85
CA LEU B 209 -36.71 -16.59 -10.21
C LEU B 209 -35.83 -16.82 -11.43
N TRP B 210 -34.72 -17.57 -11.25
CA TRP B 210 -33.74 -17.80 -12.32
C TRP B 210 -34.10 -19.07 -13.07
N THR B 211 -34.00 -18.98 -14.42
CA THR B 211 -34.00 -20.17 -15.28
C THR B 211 -32.75 -20.07 -16.12
N VAL B 212 -31.80 -20.98 -15.88
CA VAL B 212 -30.57 -21.00 -16.65
C VAL B 212 -30.68 -22.20 -17.58
N PHE B 213 -30.71 -21.96 -18.89
CA PHE B 213 -30.84 -23.07 -19.84
C PHE B 213 -29.63 -23.97 -19.71
N ARG B 214 -29.82 -25.28 -19.83
CA ARG B 214 -28.72 -26.22 -19.72
C ARG B 214 -27.68 -26.03 -20.82
N ASN B 215 -28.14 -25.87 -22.05
CA ASN B 215 -27.24 -25.94 -23.18
C ASN B 215 -26.78 -24.55 -23.58
N PRO B 216 -25.49 -24.34 -23.89
CA PRO B 216 -25.00 -23.05 -24.35
C PRO B 216 -25.33 -22.83 -25.81
N VAL B 217 -25.26 -21.56 -26.22
CA VAL B 217 -25.16 -21.24 -27.62
C VAL B 217 -23.70 -20.95 -27.96
N GLN B 218 -23.41 -20.85 -29.25
CA GLN B 218 -22.10 -20.43 -29.73
C GLN B 218 -22.19 -19.11 -30.49
N ILE B 219 -21.16 -18.28 -30.29
CA ILE B 219 -20.92 -17.09 -31.10
C ILE B 219 -19.47 -17.20 -31.58
N SER B 220 -19.10 -16.50 -32.65
CA SER B 220 -17.76 -16.64 -33.19
C SER B 220 -16.74 -15.89 -32.36
N GLN B 221 -15.48 -16.26 -32.63
CA GLN B 221 -14.38 -15.56 -31.99
C GLN B 221 -14.43 -14.07 -32.32
N GLU B 222 -14.79 -13.69 -33.54
CA GLU B 222 -14.90 -12.25 -33.86
C GLU B 222 -16.08 -11.58 -33.14
N GLN B 223 -17.21 -12.26 -33.03
CA GLN B 223 -18.34 -11.67 -32.32
C GLN B 223 -17.97 -11.44 -30.86
N LEU B 224 -17.33 -12.44 -30.26
CA LEU B 224 -16.93 -12.33 -28.87
C LEU B 224 -15.97 -11.18 -28.68
N LEU B 225 -14.98 -11.06 -29.56
CA LEU B 225 -14.02 -9.97 -29.41
C LEU B 225 -14.68 -8.63 -29.63
N ALA B 226 -15.66 -8.56 -30.53
CA ALA B 226 -16.38 -7.31 -30.70
C ALA B 226 -17.08 -6.92 -29.38
N LEU B 227 -17.76 -7.90 -28.74
CA LEU B 227 -18.47 -7.66 -27.50
C LEU B 227 -17.46 -7.16 -26.46
N GLU B 228 -16.26 -7.79 -26.41
CA GLU B 228 -15.29 -7.48 -25.39
C GLU B 228 -14.53 -6.17 -25.62
N THR B 229 -14.47 -5.67 -26.86
CA THR B 229 -13.62 -4.52 -27.15
C THR B 229 -14.37 -3.30 -27.67
N ALA B 230 -15.68 -3.35 -27.95
CA ALA B 230 -16.34 -2.24 -28.63
C ALA B 230 -16.67 -1.16 -27.61
N LEU B 231 -16.94 -1.56 -26.35
CA LEU B 231 -17.70 -0.71 -25.45
C LEU B 231 -16.84 -0.17 -24.32
N TYR B 232 -17.25 1.02 -23.88
CA TYR B 232 -16.66 1.72 -22.74
C TYR B 232 -17.74 2.01 -21.70
N CYS B 233 -17.34 2.03 -20.44
CA CYS B 233 -18.21 2.38 -19.33
C CYS B 233 -18.44 3.88 -19.22
N THR B 234 -17.59 4.65 -19.92
CA THR B 234 -17.47 6.10 -19.78
C THR B 234 -18.11 6.80 -20.98
N HIS B 235 -18.47 8.08 -20.76
CA HIS B 235 -19.09 8.91 -21.77
C HIS B 235 -18.06 9.22 -22.86
N MET B 236 -18.55 9.59 -24.05
CA MET B 236 -17.68 9.84 -25.20
C MET B 236 -16.65 10.92 -24.88
N ASP B 237 -17.02 11.91 -24.07
CA ASP B 237 -16.14 13.06 -23.92
C ASP B 237 -15.07 12.81 -22.86
N ASP B 238 -15.14 11.67 -22.15
CA ASP B 238 -14.30 11.46 -20.98
C ASP B 238 -12.82 11.33 -21.39
N PRO B 239 -11.91 12.15 -20.84
CA PRO B 239 -10.48 11.97 -21.12
C PRO B 239 -9.80 10.79 -20.43
N SER B 240 -10.54 10.07 -19.57
CA SER B 240 -10.01 8.92 -18.86
C SER B 240 -10.88 7.70 -19.14
N PRO B 241 -10.86 7.16 -20.38
CA PRO B 241 -11.81 6.12 -20.77
C PRO B 241 -11.66 4.85 -19.92
N ARG B 242 -12.78 4.18 -19.62
CA ARG B 242 -12.70 2.85 -18.99
C ARG B 242 -13.41 1.85 -19.90
N GLU B 243 -12.67 0.81 -20.32
CA GLU B 243 -13.19 -0.28 -21.12
C GLU B 243 -14.28 -1.02 -20.35
N MET B 244 -15.34 -1.40 -21.07
CA MET B 244 -16.38 -2.20 -20.46
C MET B 244 -15.94 -3.66 -20.67
N ILE B 245 -15.31 -4.25 -19.63
CA ILE B 245 -14.80 -5.61 -19.61
C ILE B 245 -15.07 -6.21 -18.24
N ASN B 246 -15.13 -7.54 -18.18
CA ASN B 246 -15.24 -8.21 -16.91
C ASN B 246 -16.43 -7.71 -16.09
N ASN B 247 -17.57 -7.57 -16.77
CA ASN B 247 -18.79 -7.02 -16.15
C ASN B 247 -19.70 -8.17 -15.70
N PHE B 248 -19.11 -9.11 -14.93
CA PHE B 248 -19.78 -10.24 -14.34
C PHE B 248 -19.43 -10.29 -12.86
N ARG B 249 -20.40 -10.75 -12.06
CA ARG B 249 -20.21 -10.88 -10.62
C ARG B 249 -19.60 -12.26 -10.33
N GLN B 250 -18.73 -12.38 -9.34
CA GLN B 250 -18.24 -13.68 -8.91
C GLN B 250 -19.39 -14.50 -8.37
N VAL B 251 -19.29 -15.81 -8.45
CA VAL B 251 -20.28 -16.70 -7.86
C VAL B 251 -20.32 -16.54 -6.35
N GLN B 252 -21.54 -16.72 -5.81
CA GLN B 252 -21.89 -16.52 -4.42
C GLN B 252 -21.86 -17.87 -3.69
N LYS B 253 -21.70 -17.86 -2.35
CA LYS B 253 -22.01 -19.06 -1.59
C LYS B 253 -23.46 -19.48 -1.78
N PHE B 254 -23.68 -20.80 -1.74
CA PHE B 254 -24.99 -21.39 -1.90
C PHE B 254 -25.01 -22.67 -1.09
N ASP B 255 -25.57 -22.59 0.13
CA ASP B 255 -25.51 -23.64 1.15
C ASP B 255 -26.93 -23.85 1.68
N GLU B 256 -27.20 -25.12 2.00
CA GLU B 256 -28.44 -25.63 2.57
C GLU B 256 -29.62 -25.30 1.66
N ARG B 257 -29.31 -25.24 0.37
CA ARG B 257 -30.30 -24.90 -0.63
C ARG B 257 -30.03 -25.72 -1.88
N LEU B 258 -31.08 -25.82 -2.72
CA LEU B 258 -31.08 -26.63 -3.92
C LEU B 258 -31.43 -25.79 -5.16
N VAL B 259 -30.80 -26.18 -6.25
CA VAL B 259 -31.18 -25.80 -7.59
C VAL B 259 -31.92 -26.99 -8.19
N TYR B 260 -33.06 -26.74 -8.81
CA TYR B 260 -33.82 -27.85 -9.39
C TYR B 260 -33.53 -27.88 -10.88
N THR B 261 -33.50 -29.09 -11.42
CA THR B 261 -33.21 -29.31 -12.82
C THR B 261 -34.41 -30.01 -13.46
N SER B 262 -34.66 -29.66 -14.72
CA SER B 262 -35.70 -30.31 -15.49
C SER B 262 -35.14 -31.45 -16.34
N PHE B 263 -33.90 -31.83 -16.13
CA PHE B 263 -33.20 -32.90 -16.84
C PHE B 263 -32.55 -33.77 -15.77
N SER B 264 -32.33 -35.05 -16.06
CA SER B 264 -31.78 -35.97 -15.06
C SER B 264 -30.28 -36.16 -15.33
N LYS C 5 -18.51 -9.88 14.76
CA LYS C 5 -17.46 -9.10 14.05
C LYS C 5 -17.43 -9.45 12.56
N TRP C 6 -17.01 -10.67 12.22
CA TRP C 6 -17.17 -11.14 10.86
C TRP C 6 -17.41 -12.64 10.82
N THR C 7 -18.09 -13.08 9.75
CA THR C 7 -18.36 -14.49 9.54
C THR C 7 -18.20 -14.84 8.07
N TYR C 8 -18.55 -16.08 7.76
CA TYR C 8 -18.65 -16.61 6.40
C TYR C 8 -20.06 -16.99 5.94
N PHE C 9 -21.07 -16.57 6.69
CA PHE C 9 -22.44 -16.90 6.34
C PHE C 9 -23.32 -15.84 6.93
N GLY C 10 -24.30 -15.37 6.14
CA GLY C 10 -25.35 -14.51 6.61
C GLY C 10 -24.86 -13.07 6.65
N PRO C 11 -25.45 -12.21 7.50
CA PRO C 11 -25.30 -10.75 7.39
C PRO C 11 -23.89 -10.21 7.53
N ASP C 12 -23.02 -10.94 8.24
CA ASP C 12 -21.66 -10.49 8.48
C ASP C 12 -20.69 -11.24 7.60
N GLY C 13 -21.26 -11.88 6.59
CA GLY C 13 -20.47 -12.65 5.68
C GLY C 13 -19.62 -11.79 4.74
N GLU C 14 -19.00 -12.50 3.82
CA GLU C 14 -17.88 -11.91 3.11
C GLU C 14 -18.20 -10.75 2.19
N ASN C 15 -19.45 -10.59 1.73
CA ASN C 15 -19.76 -9.43 0.94
C ASN C 15 -19.75 -8.15 1.77
N SER C 16 -19.83 -8.30 3.11
CA SER C 16 -19.89 -7.16 4.00
C SER C 16 -18.58 -6.93 4.74
N TRP C 17 -17.55 -7.75 4.56
CA TRP C 17 -16.29 -7.52 5.25
C TRP C 17 -15.76 -6.11 4.97
N SER C 18 -15.93 -5.61 3.74
CA SER C 18 -15.31 -4.33 3.40
C SER C 18 -15.81 -3.17 4.24
N LYS C 19 -16.98 -3.31 4.89
CA LYS C 19 -17.50 -2.21 5.69
C LYS C 19 -16.52 -1.89 6.81
N LYS C 20 -16.10 -2.90 7.58
CA LYS C 20 -15.28 -2.67 8.75
C LYS C 20 -13.81 -2.92 8.48
N TYR C 21 -13.52 -3.58 7.35
CA TYR C 21 -12.17 -3.94 6.95
C TYR C 21 -11.93 -3.56 5.51
N PRO C 22 -11.66 -2.26 5.23
CA PRO C 22 -11.58 -1.78 3.85
C PRO C 22 -10.75 -2.61 2.87
N SER C 23 -9.58 -3.13 3.37
CA SER C 23 -8.65 -3.85 2.51
C SER C 23 -9.33 -5.09 1.90
N CYS C 24 -10.42 -5.59 2.50
CA CYS C 24 -11.20 -6.69 1.92
C CYS C 24 -11.78 -6.32 0.56
N GLY C 25 -12.01 -5.03 0.31
CA GLY C 25 -12.48 -4.53 -0.97
C GLY C 25 -11.38 -3.78 -1.73
N GLY C 26 -10.12 -4.04 -1.38
CA GLY C 26 -8.99 -3.35 -1.97
C GLY C 26 -8.23 -4.23 -2.96
N LEU C 27 -6.94 -3.89 -3.13
CA LEU C 27 -6.08 -4.50 -4.12
C LEU C 27 -5.60 -5.88 -3.64
N LEU C 28 -5.11 -6.68 -4.62
CA LEU C 28 -4.31 -7.89 -4.42
C LEU C 28 -5.06 -8.96 -3.60
N GLN C 29 -6.40 -9.02 -3.73
CA GLN C 29 -7.17 -9.89 -2.87
C GLN C 29 -7.01 -11.36 -3.26
N SER C 30 -6.99 -12.22 -2.24
CA SER C 30 -6.93 -13.67 -2.39
C SER C 30 -8.19 -14.27 -1.76
N PRO C 31 -8.57 -15.53 -2.05
CA PRO C 31 -7.92 -16.47 -2.97
C PRO C 31 -8.37 -16.26 -4.42
N ILE C 32 -7.84 -17.09 -5.32
CA ILE C 32 -8.09 -16.96 -6.74
C ILE C 32 -8.22 -18.33 -7.38
N ASP C 33 -8.80 -18.34 -8.60
CA ASP C 33 -8.84 -19.51 -9.45
C ASP C 33 -7.54 -19.57 -10.26
N LEU C 34 -6.80 -20.68 -10.13
CA LEU C 34 -5.56 -20.89 -10.85
C LEU C 34 -5.93 -21.54 -12.18
N HIS C 35 -5.90 -20.79 -13.28
CA HIS C 35 -6.29 -21.34 -14.57
C HIS C 35 -5.35 -20.83 -15.68
N SER C 36 -5.38 -21.49 -16.84
CA SER C 36 -4.31 -21.37 -17.83
C SER C 36 -4.11 -19.93 -18.28
N ASP C 37 -5.22 -19.18 -18.47
CA ASP C 37 -5.16 -17.88 -19.09
C ASP C 37 -4.31 -16.89 -18.27
N ILE C 38 -4.14 -17.15 -16.96
CA ILE C 38 -3.42 -16.23 -16.10
C ILE C 38 -2.10 -16.82 -15.58
N LEU C 39 -1.69 -18.00 -16.05
CA LEU C 39 -0.43 -18.62 -15.65
C LEU C 39 0.69 -18.24 -16.59
N GLN C 40 1.88 -18.13 -16.00
CA GLN C 40 3.09 -18.04 -16.78
C GLN C 40 4.23 -18.76 -16.07
N TYR C 41 4.90 -19.61 -16.84
CA TYR C 41 6.10 -20.26 -16.33
C TYR C 41 7.17 -19.22 -16.03
N ASP C 42 7.81 -19.38 -14.86
CA ASP C 42 8.99 -18.61 -14.49
C ASP C 42 10.13 -19.57 -14.14
N ALA C 43 11.10 -19.65 -15.05
CA ALA C 43 12.22 -20.57 -14.92
C ALA C 43 13.13 -20.24 -13.72
N SER C 44 13.09 -19.01 -13.22
CA SER C 44 13.96 -18.60 -12.12
C SER C 44 13.37 -18.99 -10.76
N LEU C 45 12.13 -19.49 -10.70
CA LEU C 45 11.56 -19.95 -9.43
C LEU C 45 12.32 -21.18 -8.93
N THR C 46 12.73 -21.14 -7.66
CA THR C 46 13.54 -22.22 -7.13
C THR C 46 12.73 -23.01 -6.11
N PRO C 47 13.09 -24.28 -5.84
CA PRO C 47 12.41 -25.04 -4.80
C PRO C 47 12.65 -24.41 -3.44
N LEU C 48 11.60 -24.40 -2.63
CA LEU C 48 11.70 -24.00 -1.25
C LEU C 48 12.36 -25.14 -0.47
N GLU C 49 13.04 -24.75 0.61
CA GLU C 49 13.57 -25.69 1.59
C GLU C 49 12.81 -25.44 2.90
N PHE C 50 12.48 -26.54 3.58
CA PHE C 50 11.78 -26.48 4.85
C PHE C 50 12.75 -26.85 5.96
N GLN C 51 13.04 -25.85 6.82
CA GLN C 51 14.07 -26.06 7.82
C GLN C 51 13.37 -25.99 9.17
N GLY C 52 13.73 -26.89 10.09
CA GLY C 52 13.21 -26.84 11.44
C GLY C 52 11.73 -27.24 11.54
N TYR C 53 11.27 -27.95 10.50
CA TYR C 53 9.87 -28.35 10.39
C TYR C 53 9.64 -29.61 11.22
N ASN C 54 10.74 -30.35 11.50
CA ASN C 54 10.61 -31.56 12.28
C ASN C 54 10.60 -31.24 13.77
N LEU C 55 9.46 -30.83 14.33
CA LEU C 55 9.39 -30.31 15.69
C LEU C 55 9.59 -31.45 16.71
N SER C 56 10.25 -31.14 17.83
CA SER C 56 10.58 -32.15 18.83
C SER C 56 9.30 -32.68 19.50
N ALA C 57 9.26 -34.02 19.62
CA ALA C 57 8.18 -34.71 20.30
C ALA C 57 8.11 -34.35 21.78
N ASN C 58 9.18 -33.84 22.37
CA ASN C 58 9.25 -33.51 23.79
C ASN C 58 8.74 -32.08 24.02
N LYS C 59 8.52 -31.34 22.94
CA LYS C 59 7.97 -30.01 22.97
C LYS C 59 6.48 -30.08 22.62
N GLN C 60 5.74 -29.00 22.92
CA GLN C 60 4.31 -28.95 22.63
C GLN C 60 3.95 -27.58 22.08
N PHE C 61 2.84 -27.55 21.33
CA PHE C 61 2.45 -26.42 20.50
C PHE C 61 0.95 -26.21 20.69
N LEU C 62 0.56 -24.93 20.80
CA LEU C 62 -0.79 -24.59 21.23
C LEU C 62 -1.77 -24.62 20.06
N LEU C 63 -2.84 -25.41 20.21
CA LEU C 63 -3.96 -25.43 19.28
C LEU C 63 -5.11 -24.59 19.82
N THR C 64 -5.68 -23.72 18.99
CA THR C 64 -6.71 -22.77 19.44
C THR C 64 -7.86 -22.75 18.43
N ASN C 65 -9.09 -22.78 18.94
CA ASN C 65 -10.27 -22.44 18.16
C ASN C 65 -10.48 -20.95 18.30
N ASN C 66 -10.27 -20.18 17.23
CA ASN C 66 -10.39 -18.74 17.34
C ASN C 66 -11.72 -18.24 16.82
N GLY C 67 -12.71 -19.14 16.68
CA GLY C 67 -14.04 -18.74 16.23
C GLY C 67 -14.20 -18.75 14.71
N HIS C 68 -13.06 -18.79 14.00
CA HIS C 68 -13.06 -18.77 12.53
C HIS C 68 -12.42 -20.00 11.87
N SER C 69 -11.43 -20.55 12.53
CA SER C 69 -10.74 -21.74 12.11
C SER C 69 -10.14 -22.36 13.36
N VAL C 70 -9.41 -23.46 13.18
CA VAL C 70 -8.50 -23.97 14.19
C VAL C 70 -7.06 -23.72 13.75
N LYS C 71 -6.27 -23.13 14.67
CA LYS C 71 -4.88 -22.78 14.40
C LYS C 71 -3.98 -23.56 15.36
N LEU C 72 -2.80 -23.91 14.84
CA LEU C 72 -1.71 -24.44 15.61
C LEU C 72 -0.57 -23.42 15.60
N ASN C 73 -0.11 -23.01 16.78
CA ASN C 73 1.03 -22.09 16.89
C ASN C 73 2.32 -22.85 16.53
N LEU C 74 3.22 -22.13 15.85
CA LEU C 74 4.45 -22.69 15.32
C LEU C 74 5.62 -21.85 15.80
N PRO C 75 6.79 -22.45 16.09
CA PRO C 75 7.91 -21.72 16.65
C PRO C 75 8.54 -20.94 15.50
N SER C 76 9.23 -19.83 15.88
CA SER C 76 9.87 -18.95 14.91
C SER C 76 11.18 -19.57 14.40
N ASP C 77 11.69 -20.60 15.10
CA ASP C 77 12.90 -21.27 14.61
C ASP C 77 12.58 -22.05 13.33
N MET C 78 11.30 -22.32 13.07
CA MET C 78 10.86 -23.02 11.88
C MET C 78 10.69 -22.07 10.70
N HIS C 79 11.43 -22.38 9.58
CA HIS C 79 11.62 -21.36 8.56
C HIS C 79 11.72 -21.95 7.16
N ILE C 80 11.48 -21.10 6.16
CA ILE C 80 11.63 -21.51 4.77
C ILE C 80 12.72 -20.69 4.11
N GLN C 81 13.46 -21.42 3.28
CA GLN C 81 14.54 -20.92 2.45
C GLN C 81 14.07 -20.92 1.00
N GLY C 82 14.54 -19.94 0.20
CA GLY C 82 14.23 -19.90 -1.22
C GLY C 82 13.48 -18.63 -1.62
N LEU C 83 13.15 -17.80 -0.63
CA LEU C 83 12.58 -16.49 -0.88
C LEU C 83 13.66 -15.44 -0.66
N GLN C 84 13.31 -14.17 -0.86
CA GLN C 84 14.25 -13.07 -0.82
C GLN C 84 14.74 -12.79 0.59
N SER C 85 13.84 -13.03 1.58
CA SER C 85 14.17 -12.93 2.98
C SER C 85 13.89 -14.26 3.66
N ARG C 86 14.45 -14.44 4.87
CA ARG C 86 13.98 -15.48 5.76
C ARG C 86 12.55 -15.16 6.22
N TYR C 87 11.68 -16.13 6.00
CA TYR C 87 10.34 -16.12 6.55
C TYR C 87 10.26 -17.24 7.59
N SER C 88 9.99 -16.82 8.84
CA SER C 88 9.87 -17.73 9.98
C SER C 88 8.39 -18.03 10.27
N ALA C 89 8.10 -19.27 10.68
CA ALA C 89 6.71 -19.71 10.89
C ALA C 89 6.07 -18.98 12.06
N THR C 90 4.72 -18.87 12.04
CA THR C 90 3.96 -18.32 13.16
C THR C 90 2.76 -19.23 13.50
N GLN C 91 2.03 -19.78 12.52
CA GLN C 91 0.89 -20.64 12.81
C GLN C 91 0.47 -21.32 11.52
N LEU C 92 -0.30 -22.41 11.67
CA LEU C 92 -1.00 -23.01 10.54
C LEU C 92 -2.47 -23.15 10.89
N HIS C 93 -3.30 -23.27 9.86
CA HIS C 93 -4.75 -23.41 10.08
C HIS C 93 -5.32 -24.04 8.82
N LEU C 94 -6.64 -24.31 8.85
CA LEU C 94 -7.33 -24.99 7.75
C LEU C 94 -8.63 -24.26 7.35
N HIS C 95 -9.06 -24.55 6.11
CA HIS C 95 -10.35 -24.10 5.59
C HIS C 95 -11.03 -25.34 5.02
N TRP C 96 -12.36 -25.45 5.21
CA TRP C 96 -13.12 -26.60 4.72
C TRP C 96 -14.57 -26.22 4.37
N GLY C 97 -15.29 -27.19 3.83
CA GLY C 97 -16.69 -27.04 3.44
C GLY C 97 -17.64 -27.63 4.47
N ASN C 98 -18.55 -28.48 3.99
CA ASN C 98 -19.59 -29.04 4.84
C ASN C 98 -19.93 -30.42 4.29
N PRO C 99 -20.56 -31.30 5.10
CA PRO C 99 -20.79 -32.66 4.63
C PRO C 99 -21.66 -32.80 3.38
N ASN C 100 -22.53 -31.85 3.14
CA ASN C 100 -23.39 -31.91 1.97
C ASN C 100 -22.68 -31.43 0.71
N ASP C 101 -21.60 -30.65 0.85
CA ASP C 101 -20.85 -30.08 -0.26
C ASP C 101 -19.38 -30.02 0.16
N PRO C 102 -18.72 -31.17 0.23
CA PRO C 102 -17.37 -31.22 0.82
C PRO C 102 -16.25 -30.74 -0.10
N HIS C 103 -16.32 -29.45 -0.44
CA HIS C 103 -15.44 -28.83 -1.41
C HIS C 103 -15.08 -27.41 -0.93
N GLY C 104 -14.32 -27.29 0.16
CA GLY C 104 -14.07 -26.04 0.85
C GLY C 104 -12.62 -25.55 0.82
N SER C 105 -11.85 -25.86 -0.23
CA SER C 105 -10.59 -25.20 -0.42
C SER C 105 -10.85 -23.72 -0.73
N GLU C 106 -9.86 -22.88 -0.51
CA GLU C 106 -9.91 -21.47 -0.87
C GLU C 106 -9.52 -21.26 -2.34
N HIS C 107 -8.29 -21.67 -2.70
CA HIS C 107 -7.90 -21.63 -4.10
C HIS C 107 -8.59 -22.76 -4.86
N THR C 108 -8.87 -22.49 -6.15
CA THR C 108 -9.40 -23.47 -7.06
C THR C 108 -8.38 -23.64 -8.20
N VAL C 109 -8.44 -24.77 -8.90
CA VAL C 109 -7.54 -25.08 -10.02
C VAL C 109 -8.41 -25.46 -11.21
N SER C 110 -8.40 -24.60 -12.25
CA SER C 110 -9.25 -24.80 -13.41
C SER C 110 -10.72 -24.94 -13.01
N GLY C 111 -11.11 -24.10 -12.04
CA GLY C 111 -12.48 -23.94 -11.60
C GLY C 111 -12.89 -24.98 -10.56
N GLN C 112 -12.01 -25.92 -10.20
CA GLN C 112 -12.33 -27.02 -9.30
C GLN C 112 -11.84 -26.75 -7.89
N HIS C 113 -12.77 -26.85 -6.92
CA HIS C 113 -12.39 -26.78 -5.52
C HIS C 113 -11.72 -28.10 -5.17
N PHE C 114 -10.95 -28.08 -4.09
CA PHE C 114 -10.54 -29.29 -3.40
C PHE C 114 -11.36 -29.40 -2.13
N ALA C 115 -11.24 -30.53 -1.43
CA ALA C 115 -12.03 -30.74 -0.23
C ALA C 115 -11.76 -29.71 0.87
N ALA C 116 -10.46 -29.40 1.04
CA ALA C 116 -9.99 -28.53 2.10
C ALA C 116 -8.63 -27.94 1.73
N GLU C 117 -8.12 -27.02 2.56
CA GLU C 117 -6.82 -26.39 2.30
C GLU C 117 -6.17 -26.07 3.63
N LEU C 118 -4.86 -26.36 3.70
CA LEU C 118 -4.00 -26.08 4.84
C LEU C 118 -3.12 -24.90 4.47
N HIS C 119 -3.00 -23.95 5.40
CA HIS C 119 -2.17 -22.77 5.24
C HIS C 119 -1.16 -22.72 6.37
N ILE C 120 0.12 -22.60 6.00
CA ILE C 120 1.22 -22.40 6.95
C ILE C 120 1.70 -20.96 6.80
N VAL C 121 1.41 -20.15 7.82
CA VAL C 121 1.70 -18.72 7.79
C VAL C 121 3.11 -18.47 8.34
N HIS C 122 3.88 -17.63 7.62
CA HIS C 122 5.23 -17.23 7.98
C HIS C 122 5.37 -15.70 7.84
N TYR C 123 6.28 -15.13 8.64
CA TYR C 123 6.53 -13.69 8.59
C TYR C 123 8.00 -13.35 8.33
N ASN C 124 8.14 -12.13 7.81
CA ASN C 124 9.46 -11.65 7.41
C ASN C 124 10.22 -11.34 8.73
N SER C 125 11.23 -12.22 8.98
CA SER C 125 11.93 -12.27 10.29
C SER C 125 13.28 -11.61 10.07
N ASP C 126 13.26 -10.71 9.06
CA ASP C 126 14.38 -9.84 8.77
C ASP C 126 13.90 -8.40 8.97
N LEU C 127 12.69 -8.05 8.49
CA LEU C 127 12.22 -6.67 8.49
C LEU C 127 11.45 -6.33 9.78
N TYR C 128 10.78 -7.32 10.41
CA TYR C 128 9.80 -7.03 11.45
C TYR C 128 9.98 -7.97 12.66
N PRO C 129 9.67 -7.45 13.88
CA PRO C 129 9.87 -8.20 15.12
C PRO C 129 8.98 -9.44 15.33
N ASP C 130 7.76 -9.44 14.77
CA ASP C 130 6.83 -10.51 15.05
C ASP C 130 5.77 -10.43 13.97
N ALA C 131 4.93 -11.48 13.92
CA ALA C 131 3.98 -11.65 12.83
C ALA C 131 2.95 -10.51 12.83
N SER C 132 2.48 -10.13 14.03
CA SER C 132 1.48 -9.07 14.16
C SER C 132 1.95 -7.73 13.58
N THR C 133 3.17 -7.30 13.88
CA THR C 133 3.65 -6.02 13.36
C THR C 133 3.85 -6.11 11.86
N ALA C 134 4.16 -7.33 11.35
CA ALA C 134 4.48 -7.55 9.95
C ALA C 134 3.22 -7.52 9.10
N SER C 135 2.10 -7.80 9.75
CA SER C 135 0.88 -8.20 9.06
C SER C 135 0.37 -7.12 8.07
N ASN C 136 0.64 -5.82 8.39
CA ASN C 136 0.08 -4.72 7.60
C ASN C 136 1.24 -3.87 7.08
N LYS C 137 2.39 -4.51 6.85
CA LYS C 137 3.59 -3.84 6.38
C LYS C 137 4.02 -4.52 5.08
N SER C 138 4.69 -3.75 4.24
CA SER C 138 5.22 -4.23 2.97
C SER C 138 6.07 -5.49 3.18
N GLU C 139 5.85 -6.51 2.34
CA GLU C 139 6.56 -7.78 2.35
C GLU C 139 6.38 -8.56 3.66
N GLY C 140 5.25 -8.38 4.34
CA GLY C 140 5.19 -8.84 5.71
C GLY C 140 5.10 -10.38 5.86
N LEU C 141 4.35 -11.04 4.96
CA LEU C 141 3.95 -12.43 5.18
C LEU C 141 4.29 -13.28 3.97
N ALA C 142 4.30 -14.64 4.27
CA ALA C 142 4.35 -15.67 3.24
C ALA C 142 3.59 -16.89 3.72
N VAL C 143 2.67 -17.35 2.87
CA VAL C 143 1.80 -18.48 3.23
C VAL C 143 2.07 -19.60 2.22
N LEU C 144 2.22 -20.81 2.75
CA LEU C 144 2.23 -22.04 1.97
C LEU C 144 0.81 -22.63 2.03
N ALA C 145 0.34 -23.03 0.85
CA ALA C 145 -1.01 -23.58 0.72
C ALA C 145 -0.90 -25.00 0.17
N VAL C 146 -1.53 -25.92 0.89
CA VAL C 146 -1.62 -27.30 0.47
C VAL C 146 -3.10 -27.61 0.19
N LEU C 147 -3.40 -28.05 -1.03
CA LEU C 147 -4.71 -28.53 -1.41
C LEU C 147 -4.88 -29.95 -0.86
N ILE C 148 -6.09 -30.21 -0.34
CA ILE C 148 -6.43 -31.47 0.28
C ILE C 148 -7.59 -32.09 -0.48
N GLU C 149 -7.38 -33.32 -0.96
CA GLU C 149 -8.44 -34.09 -1.59
C GLU C 149 -8.76 -35.29 -0.70
N MET C 150 -9.99 -35.79 -0.85
CA MET C 150 -10.41 -37.01 -0.17
C MET C 150 -9.71 -38.19 -0.84
N GLY C 151 -9.11 -39.09 -0.04
CA GLY C 151 -8.46 -40.28 -0.54
C GLY C 151 -8.05 -41.22 0.59
N SER C 152 -6.75 -41.49 0.73
CA SER C 152 -6.24 -42.46 1.69
C SER C 152 -6.05 -41.80 3.06
N PHE C 153 -6.25 -42.57 4.13
CA PHE C 153 -6.01 -42.09 5.49
C PHE C 153 -4.61 -41.49 5.60
N ASN C 154 -4.50 -40.32 6.24
CA ASN C 154 -3.22 -39.63 6.34
C ASN C 154 -2.82 -39.59 7.81
N PRO C 155 -1.86 -40.44 8.24
CA PRO C 155 -1.41 -40.39 9.63
C PRO C 155 -1.01 -39.00 10.14
N SER C 156 -0.32 -38.23 9.27
CA SER C 156 0.26 -36.96 9.68
C SER C 156 -0.84 -35.91 9.96
N TYR C 157 -1.85 -35.79 9.10
CA TYR C 157 -2.96 -34.89 9.40
C TYR C 157 -3.69 -35.29 10.68
N ASP C 158 -3.68 -36.58 10.99
CA ASP C 158 -4.36 -37.06 12.18
C ASP C 158 -3.65 -36.61 13.47
N LYS C 159 -2.41 -36.14 13.38
CA LYS C 159 -1.71 -35.62 14.53
C LYS C 159 -2.34 -34.29 14.96
N ILE C 160 -3.01 -33.61 14.03
CA ILE C 160 -3.82 -32.44 14.36
C ILE C 160 -5.24 -32.91 14.73
N PHE C 161 -5.82 -33.76 13.85
CA PHE C 161 -7.27 -33.93 13.90
C PHE C 161 -7.63 -34.65 15.20
N SER C 162 -6.73 -35.49 15.73
CA SER C 162 -7.05 -36.24 16.93
C SER C 162 -7.19 -35.36 18.17
N HIS C 163 -6.84 -34.08 18.09
CA HIS C 163 -6.98 -33.18 19.21
C HIS C 163 -8.24 -32.31 19.10
N LEU C 164 -9.00 -32.36 18.00
CA LEU C 164 -10.03 -31.35 17.75
C LEU C 164 -11.14 -31.35 18.81
N GLN C 165 -11.39 -32.47 19.49
CA GLN C 165 -12.46 -32.50 20.44
C GLN C 165 -12.11 -31.72 21.70
N HIS C 166 -10.88 -31.27 21.85
CA HIS C 166 -10.49 -30.45 22.97
C HIS C 166 -10.55 -28.94 22.69
N VAL C 167 -10.87 -28.57 21.44
CA VAL C 167 -11.01 -27.17 21.08
C VAL C 167 -12.34 -26.93 20.36
N LYS C 168 -13.40 -27.62 20.78
CA LYS C 168 -14.68 -27.57 20.08
C LYS C 168 -15.27 -26.17 19.98
N TYR C 169 -15.11 -25.31 21.01
CA TYR C 169 -15.71 -24.00 21.05
C TYR C 169 -14.67 -22.89 21.00
N LYS C 170 -15.11 -21.76 20.52
CA LYS C 170 -14.28 -20.58 20.42
C LYS C 170 -13.59 -20.24 21.73
N GLY C 171 -12.29 -19.94 21.58
CA GLY C 171 -11.45 -19.54 22.68
C GLY C 171 -10.82 -20.73 23.38
N GLN C 172 -11.27 -21.97 23.11
CA GLN C 172 -10.68 -23.13 23.75
C GLN C 172 -9.32 -23.41 23.13
N GLU C 173 -8.42 -23.94 23.98
CA GLU C 173 -7.05 -24.22 23.61
C GLU C 173 -6.62 -25.59 24.15
N ALA C 174 -5.65 -26.21 23.48
CA ALA C 174 -5.11 -27.49 23.91
C ALA C 174 -3.73 -27.64 23.29
N PHE C 175 -2.90 -28.51 23.86
CA PHE C 175 -1.53 -28.66 23.38
C PHE C 175 -1.41 -29.87 22.48
N VAL C 176 -0.55 -29.76 21.48
CA VAL C 176 -0.23 -30.85 20.58
C VAL C 176 1.28 -31.10 20.65
N PRO C 177 1.75 -32.35 20.87
CA PRO C 177 3.20 -32.65 20.86
C PRO C 177 3.78 -32.36 19.48
N GLY C 178 5.06 -31.95 19.46
CA GLY C 178 5.76 -31.69 18.20
C GLY C 178 5.72 -32.92 17.31
N PHE C 179 5.53 -32.69 16.01
CA PHE C 179 5.70 -33.72 15.01
C PHE C 179 6.26 -33.05 13.76
N ASN C 180 6.53 -33.86 12.72
CA ASN C 180 7.20 -33.34 11.55
C ASN C 180 6.26 -32.70 10.54
N ILE C 181 6.25 -31.37 10.59
CA ILE C 181 5.23 -30.60 9.89
C ILE C 181 5.37 -30.82 8.38
N GLU C 182 6.59 -31.19 7.93
CA GLU C 182 6.88 -31.50 6.53
C GLU C 182 6.01 -32.65 5.99
N GLU C 183 5.54 -33.54 6.88
CA GLU C 183 4.72 -34.66 6.46
C GLU C 183 3.33 -34.17 5.99
N LEU C 184 2.96 -32.90 6.27
CA LEU C 184 1.66 -32.32 5.85
C LEU C 184 1.73 -31.87 4.38
N LEU C 185 2.97 -31.77 3.88
CA LEU C 185 3.18 -31.24 2.54
C LEU C 185 3.09 -32.35 1.50
N PRO C 186 2.82 -32.01 0.21
CA PRO C 186 2.69 -32.99 -0.86
C PRO C 186 3.87 -33.80 -1.34
N GLU C 187 3.51 -34.65 -2.32
CA GLU C 187 4.36 -35.37 -3.23
C GLU C 187 5.63 -34.55 -3.46
N ARG C 188 5.52 -33.46 -4.24
CA ARG C 188 6.71 -32.88 -4.84
C ARG C 188 6.68 -31.36 -4.87
N THR C 189 7.14 -30.74 -3.78
CA THR C 189 6.93 -29.32 -3.52
C THR C 189 7.66 -28.41 -4.52
N ALA C 190 8.57 -28.94 -5.37
CA ALA C 190 9.21 -28.15 -6.40
C ALA C 190 8.24 -27.52 -7.39
N GLU C 191 7.02 -28.09 -7.55
CA GLU C 191 6.06 -27.56 -8.50
C GLU C 191 4.99 -26.75 -7.77
N TYR C 192 4.90 -25.45 -8.06
CA TYR C 192 3.92 -24.64 -7.36
C TYR C 192 3.51 -23.40 -8.16
N TYR C 193 2.45 -22.76 -7.66
CA TYR C 193 1.95 -21.50 -8.15
C TYR C 193 2.40 -20.43 -7.17
N ARG C 194 2.83 -19.28 -7.68
CA ARG C 194 3.31 -18.19 -6.84
C ARG C 194 2.68 -16.88 -7.32
N TYR C 195 2.12 -16.11 -6.39
CA TYR C 195 1.58 -14.79 -6.69
C TYR C 195 1.48 -13.92 -5.44
N ARG C 196 1.43 -12.60 -5.66
CA ARG C 196 1.21 -11.63 -4.61
C ARG C 196 -0.27 -11.47 -4.36
N GLY C 197 -0.63 -11.65 -3.10
CA GLY C 197 -2.03 -11.60 -2.70
C GLY C 197 -2.20 -11.06 -1.28
N SER C 198 -3.26 -11.52 -0.60
CA SER C 198 -3.74 -10.93 0.64
C SER C 198 -4.01 -12.02 1.68
N LEU C 199 -4.21 -11.59 2.93
CA LEU C 199 -4.96 -12.43 3.85
C LEU C 199 -6.33 -12.74 3.24
N THR C 200 -6.83 -13.97 3.42
CA THR C 200 -8.16 -14.34 2.93
C THR C 200 -9.23 -14.14 4.00
N THR C 201 -8.85 -13.54 5.14
CA THR C 201 -9.79 -13.18 6.18
C THR C 201 -9.57 -11.72 6.53
N PRO C 202 -10.58 -11.03 7.08
CA PRO C 202 -10.34 -9.72 7.64
C PRO C 202 -9.11 -9.77 8.54
N PRO C 203 -8.20 -8.77 8.50
CA PRO C 203 -8.38 -7.53 7.73
C PRO C 203 -8.03 -7.48 6.26
N CYS C 204 -7.69 -8.65 5.67
CA CYS C 204 -7.52 -8.79 4.22
C CYS C 204 -6.28 -8.03 3.70
N ASN C 205 -5.29 -7.81 4.58
CA ASN C 205 -4.10 -7.03 4.21
C ASN C 205 -3.49 -7.59 2.94
N PRO C 206 -3.12 -6.72 1.96
CA PRO C 206 -2.48 -7.14 0.72
C PRO C 206 -0.97 -7.33 0.84
N THR C 207 -0.57 -8.15 1.81
CA THR C 207 0.81 -8.25 2.25
C THR C 207 1.31 -9.69 2.22
N VAL C 208 0.63 -10.59 1.48
CA VAL C 208 0.97 -12.02 1.49
C VAL C 208 1.57 -12.45 0.16
N LEU C 209 2.72 -13.11 0.27
CA LEU C 209 3.28 -13.85 -0.86
C LEU C 209 2.83 -15.29 -0.78
N TRP C 210 1.99 -15.68 -1.76
CA TRP C 210 1.34 -16.99 -1.78
C TRP C 210 2.19 -17.97 -2.57
N THR C 211 2.34 -19.16 -1.98
CA THR C 211 2.85 -20.31 -2.71
C THR C 211 1.83 -21.43 -2.56
N VAL C 212 1.21 -21.83 -3.67
CA VAL C 212 0.24 -22.91 -3.65
C VAL C 212 0.88 -24.11 -4.33
N PHE C 213 1.07 -25.21 -3.59
CA PHE C 213 1.70 -26.38 -4.19
C PHE C 213 0.79 -27.01 -5.23
N ARG C 214 1.40 -27.52 -6.30
CA ARG C 214 0.66 -28.01 -7.44
C ARG C 214 -0.08 -29.29 -7.04
N ASN C 215 0.60 -30.18 -6.29
CA ASN C 215 0.08 -31.51 -6.04
C ASN C 215 -0.70 -31.50 -4.73
N PRO C 216 -1.91 -32.11 -4.67
CA PRO C 216 -2.67 -32.16 -3.43
C PRO C 216 -2.14 -33.28 -2.55
N VAL C 217 -2.48 -33.22 -1.26
CA VAL C 217 -2.37 -34.36 -0.35
C VAL C 217 -3.76 -34.96 -0.23
N GLN C 218 -3.81 -36.15 0.37
CA GLN C 218 -5.06 -36.83 0.61
C GLN C 218 -5.26 -37.09 2.09
N ILE C 219 -6.51 -36.95 2.50
CA ILE C 219 -7.00 -37.40 3.78
C ILE C 219 -8.21 -38.28 3.51
N SER C 220 -8.58 -39.15 4.48
CA SER C 220 -9.66 -40.11 4.24
C SER C 220 -11.01 -39.39 4.31
N GLN C 221 -12.02 -40.06 3.76
CA GLN C 221 -13.39 -39.58 3.85
C GLN C 221 -13.80 -39.37 5.32
N GLU C 222 -13.34 -40.24 6.22
CA GLU C 222 -13.63 -40.15 7.64
C GLU C 222 -12.91 -38.96 8.30
N GLN C 223 -11.67 -38.69 7.91
CA GLN C 223 -10.93 -37.56 8.45
C GLN C 223 -11.63 -36.28 8.04
N LEU C 224 -12.03 -36.22 6.77
CA LEU C 224 -12.67 -35.03 6.24
C LEU C 224 -13.99 -34.73 6.97
N LEU C 225 -14.82 -35.78 7.18
CA LEU C 225 -16.06 -35.60 7.91
C LEU C 225 -15.79 -35.17 9.36
N ALA C 226 -14.74 -35.73 10.00
CA ALA C 226 -14.41 -35.35 11.37
C ALA C 226 -14.11 -33.85 11.44
N LEU C 227 -13.27 -33.37 10.50
CA LEU C 227 -12.90 -31.96 10.47
C LEU C 227 -14.16 -31.09 10.31
N GLU C 228 -15.02 -31.47 9.40
CA GLU C 228 -16.22 -30.70 9.07
C GLU C 228 -17.26 -30.65 10.20
N THR C 229 -17.15 -31.55 11.18
CA THR C 229 -18.19 -31.75 12.20
C THR C 229 -17.69 -31.48 13.60
N ALA C 230 -16.42 -31.11 13.78
CA ALA C 230 -15.82 -31.12 15.11
C ALA C 230 -16.04 -29.82 15.88
N LEU C 231 -16.07 -28.71 15.14
CA LEU C 231 -15.88 -27.40 15.73
C LEU C 231 -17.13 -26.51 15.61
N TYR C 232 -17.19 -25.55 16.54
CA TYR C 232 -18.18 -24.48 16.59
C TYR C 232 -17.45 -23.15 16.54
N CYS C 233 -18.10 -22.16 15.92
CA CYS C 233 -17.59 -20.79 15.85
C CYS C 233 -17.79 -20.04 17.16
N THR C 234 -18.69 -20.55 18.01
CA THR C 234 -19.19 -19.81 19.17
C THR C 234 -18.56 -20.31 20.45
N HIS C 235 -18.59 -19.46 21.48
CA HIS C 235 -18.02 -19.75 22.78
C HIS C 235 -18.96 -20.68 23.54
N MET C 236 -18.44 -21.37 24.54
CA MET C 236 -19.26 -22.26 25.38
C MET C 236 -20.65 -21.77 25.79
N ASP C 237 -20.79 -20.52 26.22
CA ASP C 237 -22.00 -20.05 26.90
C ASP C 237 -22.83 -19.21 25.92
N ASP C 238 -22.55 -19.35 24.62
CA ASP C 238 -23.25 -18.58 23.60
C ASP C 238 -24.66 -19.12 23.45
N PRO C 239 -25.72 -18.25 23.47
CA PRO C 239 -27.08 -18.73 23.30
C PRO C 239 -27.55 -19.12 21.90
N SER C 240 -26.66 -19.09 20.90
CA SER C 240 -26.99 -19.43 19.52
C SER C 240 -25.79 -20.09 18.83
N PRO C 241 -25.51 -21.37 19.21
CA PRO C 241 -24.35 -22.09 18.71
C PRO C 241 -24.35 -22.13 17.20
N ARG C 242 -23.17 -21.92 16.62
CA ARG C 242 -23.01 -21.99 15.17
C ARG C 242 -21.87 -22.96 14.89
N GLU C 243 -22.12 -23.96 14.07
CA GLU C 243 -21.13 -24.92 13.64
C GLU C 243 -20.11 -24.27 12.70
N MET C 244 -18.84 -24.72 12.82
CA MET C 244 -17.80 -24.14 12.01
C MET C 244 -17.67 -24.94 10.71
N ILE C 245 -18.35 -24.43 9.66
CA ILE C 245 -18.38 -25.06 8.34
C ILE C 245 -18.25 -23.97 7.28
N ASN C 246 -17.80 -24.35 6.08
CA ASN C 246 -17.75 -23.40 4.96
C ASN C 246 -16.94 -22.14 5.28
N ASN C 247 -15.79 -22.34 5.94
CA ASN C 247 -14.93 -21.26 6.38
C ASN C 247 -13.86 -21.02 5.33
N PHE C 248 -14.29 -20.78 4.10
CA PHE C 248 -13.42 -20.42 3.00
C PHE C 248 -14.02 -19.20 2.34
N ARG C 249 -13.15 -18.35 1.77
CA ARG C 249 -13.62 -17.21 1.01
C ARG C 249 -13.83 -17.62 -0.43
N GLN C 250 -14.81 -17.05 -1.12
CA GLN C 250 -14.95 -17.22 -2.54
C GLN C 250 -13.71 -16.66 -3.25
N VAL C 251 -13.47 -17.19 -4.43
CA VAL C 251 -12.38 -16.69 -5.25
C VAL C 251 -12.68 -15.28 -5.75
N GLN C 252 -11.59 -14.50 -5.90
CA GLN C 252 -11.66 -13.06 -6.18
C GLN C 252 -11.37 -12.83 -7.66
N LYS C 253 -11.80 -11.68 -8.19
CA LYS C 253 -11.36 -11.27 -9.51
C LYS C 253 -9.83 -11.22 -9.56
N PHE C 254 -9.27 -11.54 -10.73
CA PHE C 254 -7.83 -11.52 -10.96
C PHE C 254 -7.62 -11.15 -12.43
N ASP C 255 -7.44 -9.84 -12.67
CA ASP C 255 -7.33 -9.25 -14.01
C ASP C 255 -5.98 -8.55 -14.14
N GLU C 256 -5.43 -8.58 -15.36
CA GLU C 256 -4.25 -7.84 -15.77
C GLU C 256 -3.08 -8.21 -14.88
N ARG C 257 -3.09 -9.46 -14.44
CA ARG C 257 -2.03 -9.94 -13.56
C ARG C 257 -1.80 -11.42 -13.82
N LEU C 258 -0.68 -11.92 -13.30
CA LEU C 258 -0.17 -13.25 -13.61
C LEU C 258 0.12 -14.01 -12.31
N VAL C 259 -0.11 -15.31 -12.39
CA VAL C 259 0.39 -16.25 -11.42
C VAL C 259 1.56 -16.94 -12.08
N TYR C 260 2.66 -17.04 -11.36
CA TYR C 260 3.86 -17.66 -11.88
C TYR C 260 3.92 -19.11 -11.47
N THR C 261 4.41 -19.98 -12.39
CA THR C 261 4.50 -21.39 -12.11
C THR C 261 5.95 -21.87 -12.22
N SER C 262 6.30 -22.86 -11.40
CA SER C 262 7.64 -23.42 -11.42
C SER C 262 7.68 -24.66 -12.31
N PHE C 263 6.60 -24.92 -13.06
CA PHE C 263 6.50 -26.06 -13.96
C PHE C 263 5.91 -25.55 -15.27
N SER C 264 6.31 -26.18 -16.39
CA SER C 264 5.67 -25.95 -17.68
C SER C 264 4.26 -26.57 -17.69
N LYS D 5 16.54 21.96 28.21
CA LYS D 5 15.90 23.08 27.47
C LYS D 5 15.84 22.86 25.96
N TRP D 6 16.31 21.69 25.48
CA TRP D 6 16.14 21.29 24.09
C TRP D 6 15.78 19.82 24.02
N THR D 7 15.07 19.46 22.96
CA THR D 7 14.69 18.06 22.72
C THR D 7 14.83 17.76 21.23
N TYR D 8 14.43 16.54 20.85
CA TYR D 8 14.29 16.11 19.46
C TYR D 8 12.85 15.96 19.01
N PHE D 9 11.90 16.38 19.84
CA PHE D 9 10.50 16.09 19.56
C PHE D 9 9.63 17.14 20.23
N GLY D 10 8.81 17.77 19.42
CA GLY D 10 7.77 18.64 19.95
C GLY D 10 8.24 20.10 20.00
N PRO D 11 7.65 20.93 20.89
CA PRO D 11 7.88 22.39 20.85
C PRO D 11 9.32 22.88 21.05
N ASP D 12 10.16 22.06 21.70
CA ASP D 12 11.53 22.43 21.96
C ASP D 12 12.48 21.66 21.04
N GLY D 13 11.93 21.02 19.99
CA GLY D 13 12.70 20.27 19.01
C GLY D 13 13.58 21.13 18.10
N GLU D 14 14.17 20.45 17.10
CA GLU D 14 15.34 20.97 16.42
C GLU D 14 15.05 22.26 15.67
N ASN D 15 13.84 22.45 15.17
CA ASN D 15 13.52 23.71 14.47
C ASN D 15 13.57 24.94 15.37
N SER D 16 13.54 24.70 16.67
CA SER D 16 13.54 25.80 17.65
C SER D 16 14.89 25.99 18.35
N TRP D 17 15.86 25.10 18.11
CA TRP D 17 17.16 25.21 18.77
C TRP D 17 17.76 26.60 18.59
N SER D 18 17.57 27.21 17.41
CA SER D 18 18.23 28.46 17.08
C SER D 18 17.77 29.60 17.97
N LYS D 19 16.63 29.46 18.66
CA LYS D 19 16.10 30.53 19.51
C LYS D 19 17.08 30.87 20.63
N LYS D 20 17.56 29.85 21.34
CA LYS D 20 18.47 30.05 22.46
C LYS D 20 19.90 29.63 22.12
N TYR D 21 20.13 28.97 20.96
CA TYR D 21 21.43 28.47 20.56
C TYR D 21 21.65 28.95 19.12
N PRO D 22 22.02 30.24 18.91
CA PRO D 22 22.06 30.79 17.56
C PRO D 22 22.89 30.01 16.54
N SER D 23 24.01 29.38 16.97
CA SER D 23 24.83 28.67 16.02
C SER D 23 24.07 27.50 15.37
N CYS D 24 22.95 27.02 15.97
CA CYS D 24 22.16 25.95 15.35
C CYS D 24 21.50 26.47 14.07
N GLY D 25 21.36 27.81 13.92
CA GLY D 25 20.93 28.38 12.65
C GLY D 25 22.05 29.04 11.85
N GLY D 26 23.30 28.67 12.12
CA GLY D 26 24.44 29.30 11.52
C GLY D 26 25.14 28.45 10.46
N LEU D 27 26.42 28.74 10.28
CA LEU D 27 27.27 28.13 9.27
C LEU D 27 27.69 26.71 9.66
N LEU D 28 28.14 25.95 8.64
CA LEU D 28 28.83 24.67 8.77
C LEU D 28 28.03 23.65 9.59
N GLN D 29 26.70 23.59 9.47
CA GLN D 29 25.95 22.64 10.29
C GLN D 29 26.05 21.20 9.78
N SER D 30 26.01 20.32 10.78
CA SER D 30 25.99 18.87 10.60
C SER D 30 24.70 18.33 11.18
N PRO D 31 24.28 17.11 10.86
CA PRO D 31 24.85 16.19 9.88
C PRO D 31 24.41 16.56 8.48
N ILE D 32 24.84 15.73 7.51
CA ILE D 32 24.57 15.98 6.11
C ILE D 32 24.35 14.64 5.42
N ASP D 33 23.80 14.72 4.21
CA ASP D 33 23.66 13.59 3.32
C ASP D 33 24.91 13.51 2.46
N LEU D 34 25.62 12.38 2.60
CA LEU D 34 26.85 12.15 1.83
C LEU D 34 26.43 11.56 0.51
N HIS D 35 26.49 12.38 -0.57
CA HIS D 35 26.05 11.93 -1.87
C HIS D 35 26.97 12.50 -2.94
N SER D 36 26.92 11.88 -4.13
CA SER D 36 27.92 12.04 -5.19
C SER D 36 28.15 13.50 -5.54
N ASP D 37 27.10 14.32 -5.57
CA ASP D 37 27.18 15.66 -6.13
C ASP D 37 28.07 16.56 -5.27
N ILE D 38 28.29 16.22 -4.00
CA ILE D 38 29.08 17.06 -3.13
C ILE D 38 30.37 16.37 -2.65
N LEU D 39 30.72 15.20 -3.24
CA LEU D 39 31.93 14.47 -2.86
C LEU D 39 33.09 14.84 -3.80
N GLN D 40 34.32 14.88 -3.28
CA GLN D 40 35.52 14.96 -4.09
C GLN D 40 36.62 14.11 -3.46
N TYR D 41 37.22 13.21 -4.26
CA TYR D 41 38.40 12.47 -3.85
C TYR D 41 39.55 13.42 -3.56
N ASP D 42 40.20 13.19 -2.42
CA ASP D 42 41.37 13.95 -2.02
C ASP D 42 42.47 12.93 -1.71
N ALA D 43 43.46 12.87 -2.63
CA ALA D 43 44.54 11.88 -2.56
C ALA D 43 45.49 12.17 -1.38
N SER D 44 45.46 13.38 -0.78
CA SER D 44 46.34 13.72 0.33
C SER D 44 45.79 13.28 1.67
N LEU D 45 44.49 12.92 1.77
CA LEU D 45 43.98 12.35 3.02
C LEU D 45 44.73 11.07 3.38
N THR D 46 45.08 10.92 4.65
CA THR D 46 45.86 9.79 5.10
C THR D 46 45.09 9.00 6.14
N PRO D 47 45.44 7.73 6.35
CA PRO D 47 44.74 6.94 7.34
C PRO D 47 45.01 7.46 8.74
N LEU D 48 43.97 7.48 9.56
CA LEU D 48 44.09 7.74 10.97
C LEU D 48 44.73 6.55 11.66
N GLU D 49 45.43 6.86 12.74
CA GLU D 49 46.01 5.86 13.64
C GLU D 49 45.38 6.06 15.02
N PHE D 50 44.92 4.96 15.65
CA PHE D 50 44.17 4.99 16.90
C PHE D 50 45.09 4.58 18.05
N GLN D 51 45.49 5.53 18.87
CA GLN D 51 46.50 5.30 19.89
C GLN D 51 45.85 5.37 21.27
N GLY D 52 46.21 4.43 22.14
CA GLY D 52 45.68 4.39 23.50
C GLY D 52 44.19 4.07 23.58
N TYR D 53 43.72 3.43 22.49
CA TYR D 53 42.31 3.03 22.41
C TYR D 53 42.04 1.76 23.24
N ASN D 54 43.09 0.98 23.53
CA ASN D 54 42.92 -0.22 24.35
C ASN D 54 42.97 0.17 25.82
N LEU D 55 41.83 0.62 26.35
CA LEU D 55 41.76 1.17 27.70
C LEU D 55 42.00 0.03 28.72
N SER D 56 42.69 0.38 29.81
CA SER D 56 42.99 -0.57 30.85
C SER D 56 41.73 -1.16 31.49
N ALA D 57 41.63 -2.49 31.58
CA ALA D 57 40.49 -3.13 32.22
C ALA D 57 40.50 -2.91 33.73
N ASN D 58 41.63 -2.46 34.28
CA ASN D 58 41.75 -2.19 35.70
C ASN D 58 41.31 -0.75 35.98
N LYS D 59 41.09 0.04 34.94
CA LYS D 59 40.49 1.36 35.14
C LYS D 59 39.00 1.33 34.84
N GLN D 60 38.31 2.39 35.22
CA GLN D 60 36.89 2.48 34.96
C GLN D 60 36.56 3.82 34.33
N PHE D 61 35.44 3.85 33.60
CA PHE D 61 35.05 5.00 32.78
C PHE D 61 33.56 5.24 32.99
N LEU D 62 33.18 6.51 33.23
CA LEU D 62 31.80 6.81 33.60
C LEU D 62 30.89 6.81 32.37
N LEU D 63 29.80 6.02 32.47
CA LEU D 63 28.66 6.07 31.57
C LEU D 63 27.58 6.96 32.19
N THR D 64 27.05 7.90 31.39
CA THR D 64 26.04 8.84 31.87
C THR D 64 24.89 8.94 30.89
N ASN D 65 23.66 8.93 31.40
CA ASN D 65 22.50 9.37 30.66
C ASN D 65 22.37 10.87 30.90
N ASN D 66 22.57 11.70 29.87
CA ASN D 66 22.50 13.15 30.06
C ASN D 66 21.16 13.74 29.64
N GLY D 67 20.17 12.87 29.39
CA GLY D 67 18.87 13.33 28.96
C GLY D 67 18.70 13.45 27.45
N HIS D 68 19.81 13.34 26.70
CA HIS D 68 19.85 13.46 25.23
C HIS D 68 20.42 12.21 24.57
N SER D 69 21.42 11.58 25.21
CA SER D 69 22.06 10.38 24.70
C SER D 69 22.62 9.68 25.92
N VAL D 70 23.31 8.58 25.67
CA VAL D 70 24.16 7.91 26.64
C VAL D 70 25.59 8.18 26.18
N LYS D 71 26.41 8.68 27.12
CA LYS D 71 27.79 8.99 26.85
C LYS D 71 28.69 8.14 27.76
N LEU D 72 29.87 7.79 27.19
CA LEU D 72 30.95 7.20 27.97
C LEU D 72 32.12 8.16 27.95
N ASN D 73 32.56 8.56 29.14
CA ASN D 73 33.75 9.39 29.26
C ASN D 73 34.98 8.58 28.85
N LEU D 74 35.90 9.26 28.16
CA LEU D 74 37.12 8.67 27.66
C LEU D 74 38.32 9.48 28.14
N PRO D 75 39.49 8.84 28.32
CA PRO D 75 40.67 9.55 28.79
C PRO D 75 41.41 10.27 27.67
N SER D 76 42.07 11.38 28.03
CA SER D 76 42.88 12.11 27.08
C SER D 76 44.11 11.33 26.63
N ASP D 77 44.42 10.20 27.28
CA ASP D 77 45.47 9.28 26.90
C ASP D 77 45.18 8.59 25.56
N MET D 78 43.91 8.59 25.18
CA MET D 78 43.44 8.10 23.89
C MET D 78 43.52 9.22 22.87
N HIS D 79 44.11 8.95 21.69
CA HIS D 79 44.28 10.02 20.72
C HIS D 79 44.37 9.48 19.31
N ILE D 80 44.17 10.39 18.36
CA ILE D 80 44.13 10.13 16.93
C ILE D 80 45.40 10.78 16.42
N GLN D 81 46.11 10.05 15.58
CA GLN D 81 47.15 10.57 14.73
C GLN D 81 46.65 10.60 13.29
N GLY D 82 47.08 11.63 12.53
CA GLY D 82 46.77 11.71 11.11
C GLY D 82 46.09 13.01 10.72
N LEU D 83 45.74 13.83 11.72
CA LEU D 83 45.22 15.16 11.47
C LEU D 83 46.34 16.18 11.68
N GLN D 84 46.03 17.47 11.48
CA GLN D 84 47.05 18.51 11.53
C GLN D 84 47.63 18.64 12.94
N SER D 85 46.78 18.39 13.95
CA SER D 85 47.13 18.44 15.37
C SER D 85 46.79 17.10 16.00
N ARG D 86 47.40 16.80 17.13
CA ARG D 86 46.95 15.72 17.98
C ARG D 86 45.57 16.07 18.54
N TYR D 87 44.64 15.10 18.39
CA TYR D 87 43.31 15.19 18.98
C TYR D 87 43.24 14.06 19.98
N SER D 88 42.88 14.43 21.21
CA SER D 88 42.69 13.49 22.32
C SER D 88 41.21 13.26 22.62
N ALA D 89 40.86 12.04 23.02
CA ALA D 89 39.47 11.67 23.28
C ALA D 89 38.93 12.45 24.47
N THR D 90 37.59 12.64 24.44
CA THR D 90 36.85 13.10 25.61
C THR D 90 35.65 12.21 25.95
N GLN D 91 34.91 11.71 24.95
CA GLN D 91 33.70 10.93 25.22
C GLN D 91 33.24 10.28 23.93
N LEU D 92 32.42 9.25 24.06
CA LEU D 92 31.68 8.70 22.93
C LEU D 92 30.20 8.60 23.31
N HIS D 93 29.33 8.62 22.29
CA HIS D 93 27.90 8.50 22.51
C HIS D 93 27.27 7.97 21.25
N LEU D 94 25.93 7.76 21.29
CA LEU D 94 25.25 7.16 20.14
C LEU D 94 24.01 7.97 19.77
N HIS D 95 23.48 7.71 18.58
CA HIS D 95 22.21 8.25 18.09
C HIS D 95 21.46 7.10 17.45
N TRP D 96 20.12 7.08 17.66
CA TRP D 96 19.29 5.98 17.16
C TRP D 96 17.85 6.45 16.93
N GLY D 97 17.07 5.54 16.32
CA GLY D 97 15.70 5.82 15.91
C GLY D 97 14.72 5.27 16.94
N ASN D 98 13.78 4.45 16.44
CA ASN D 98 12.77 3.84 17.28
C ASN D 98 12.37 2.49 16.71
N PRO D 99 11.69 1.65 17.53
CA PRO D 99 11.36 0.30 17.09
C PRO D 99 10.57 0.19 15.78
N ASN D 100 9.69 1.15 15.53
CA ASN D 100 8.84 1.13 14.35
C ASN D 100 9.56 1.72 13.12
N ASP D 101 10.63 2.47 13.35
CA ASP D 101 11.39 3.12 12.29
C ASP D 101 12.86 3.08 12.69
N PRO D 102 13.50 1.90 12.59
CA PRO D 102 14.81 1.74 13.18
C PRO D 102 15.93 2.24 12.27
N HIS D 103 15.88 3.55 11.97
CA HIS D 103 16.78 4.15 10.99
C HIS D 103 17.24 5.52 11.45
N GLY D 104 18.00 5.52 12.55
CA GLY D 104 18.27 6.73 13.29
C GLY D 104 19.73 7.22 13.24
N SER D 105 20.51 6.85 12.21
CA SER D 105 21.82 7.51 12.03
C SER D 105 21.58 9.01 11.82
N GLU D 106 22.63 9.81 12.07
CA GLU D 106 22.63 11.23 11.79
C GLU D 106 23.00 11.48 10.33
N HIS D 107 24.22 11.03 9.94
CA HIS D 107 24.58 11.09 8.54
C HIS D 107 23.80 10.05 7.72
N THR D 108 23.52 10.44 6.47
CA THR D 108 22.99 9.50 5.50
C THR D 108 23.98 9.36 4.36
N VAL D 109 23.85 8.25 3.65
CA VAL D 109 24.68 7.99 2.49
C VAL D 109 23.74 7.76 1.34
N SER D 110 23.82 8.65 0.33
CA SER D 110 22.97 8.54 -0.84
C SER D 110 21.52 8.47 -0.35
N GLY D 111 21.23 9.30 0.64
CA GLY D 111 19.85 9.51 1.08
C GLY D 111 19.41 8.46 2.10
N GLN D 112 20.23 7.44 2.38
CA GLN D 112 19.82 6.34 3.23
C GLN D 112 20.36 6.54 4.64
N HIS D 113 19.46 6.45 5.62
CA HIS D 113 19.88 6.31 6.99
C HIS D 113 20.42 4.91 7.24
N PHE D 114 21.29 4.81 8.23
CA PHE D 114 21.67 3.57 8.85
C PHE D 114 20.86 3.45 10.12
N ALA D 115 20.96 2.30 10.77
CA ALA D 115 20.15 2.03 11.95
C ALA D 115 20.49 2.96 13.10
N ALA D 116 21.79 3.22 13.29
CA ALA D 116 22.27 4.06 14.39
C ALA D 116 23.66 4.58 14.01
N GLU D 117 24.23 5.42 14.87
CA GLU D 117 25.56 5.98 14.61
C GLU D 117 26.26 6.22 15.93
N LEU D 118 27.54 5.81 15.96
CA LEU D 118 28.42 6.03 17.10
C LEU D 118 29.34 7.18 16.80
N HIS D 119 29.49 8.11 17.77
CA HIS D 119 30.43 9.22 17.66
C HIS D 119 31.46 9.16 18.76
N ILE D 120 32.73 9.26 18.36
CA ILE D 120 33.84 9.32 19.30
C ILE D 120 34.42 10.72 19.19
N VAL D 121 34.24 11.50 20.24
CA VAL D 121 34.54 12.93 20.27
C VAL D 121 35.95 13.12 20.80
N HIS D 122 36.73 13.96 20.11
CA HIS D 122 38.10 14.31 20.51
C HIS D 122 38.20 15.84 20.47
N TYR D 123 39.22 16.37 21.16
CA TYR D 123 39.52 17.79 21.15
C TYR D 123 41.00 17.99 20.83
N ASN D 124 41.29 19.18 20.31
CA ASN D 124 42.65 19.53 19.88
C ASN D 124 43.49 19.85 21.11
N SER D 125 44.24 18.85 21.54
CA SER D 125 45.02 18.97 22.76
C SER D 125 46.38 19.64 22.50
N ASP D 126 46.76 19.90 21.24
CA ASP D 126 47.95 20.68 20.97
C ASP D 126 47.65 22.15 21.24
N LEU D 127 46.39 22.58 20.97
CA LEU D 127 46.00 23.97 21.10
C LEU D 127 45.32 24.32 22.42
N TYR D 128 44.58 23.37 23.01
CA TYR D 128 43.62 23.66 24.08
C TYR D 128 43.81 22.69 25.23
N PRO D 129 43.59 23.11 26.48
CA PRO D 129 43.85 22.26 27.64
C PRO D 129 42.80 21.19 27.93
N ASP D 130 41.61 21.34 27.36
CA ASP D 130 40.50 20.45 27.67
C ASP D 130 39.40 20.64 26.62
N ALA D 131 38.46 19.69 26.58
CA ALA D 131 37.43 19.73 25.56
C ALA D 131 36.50 20.96 25.72
N SER D 132 36.15 21.32 26.95
CA SER D 132 35.27 22.46 27.19
C SER D 132 35.86 23.74 26.59
N THR D 133 37.17 23.96 26.78
CA THR D 133 37.86 25.13 26.24
C THR D 133 37.90 25.04 24.71
N ALA D 134 38.18 23.83 24.17
CA ALA D 134 38.28 23.65 22.73
C ALA D 134 36.94 23.83 22.00
N SER D 135 35.82 23.60 22.70
CA SER D 135 34.54 23.28 22.09
C SER D 135 34.06 24.39 21.16
N ASN D 136 34.35 25.65 21.51
CA ASN D 136 33.89 26.77 20.70
C ASN D 136 35.06 27.53 20.08
N LYS D 137 36.16 26.83 19.79
CA LYS D 137 37.36 27.46 19.30
C LYS D 137 37.72 26.86 17.96
N SER D 138 38.46 27.66 17.20
CA SER D 138 38.94 27.25 15.91
C SER D 138 39.67 25.91 16.03
N GLU D 139 39.34 25.01 15.13
CA GLU D 139 39.94 23.69 15.04
C GLU D 139 39.78 22.90 16.35
N GLY D 140 38.69 23.11 17.10
CA GLY D 140 38.66 22.63 18.46
C GLY D 140 38.35 21.13 18.58
N LEU D 141 37.51 20.59 17.67
CA LEU D 141 36.99 19.24 17.87
C LEU D 141 37.16 18.41 16.62
N ALA D 142 37.27 17.09 16.82
CA ALA D 142 37.24 16.14 15.75
C ALA D 142 36.38 14.98 16.23
N VAL D 143 35.44 14.54 15.38
CA VAL D 143 34.54 13.45 15.75
C VAL D 143 34.72 12.34 14.71
N LEU D 144 34.87 11.10 15.21
CA LEU D 144 34.80 9.91 14.38
C LEU D 144 33.36 9.39 14.41
N ALA D 145 32.84 9.09 13.23
CA ALA D 145 31.48 8.56 13.14
C ALA D 145 31.50 7.18 12.51
N VAL D 146 30.87 6.23 13.20
CA VAL D 146 30.69 4.87 12.76
C VAL D 146 29.20 4.65 12.50
N LEU D 147 28.89 4.33 11.25
CA LEU D 147 27.52 3.97 10.89
C LEU D 147 27.23 2.52 11.29
N ILE D 148 26.02 2.26 11.80
CA ILE D 148 25.65 0.96 12.37
C ILE D 148 24.46 0.39 11.61
N GLU D 149 24.52 -0.86 11.14
CA GLU D 149 23.40 -1.53 10.51
C GLU D 149 23.12 -2.81 11.28
N MET D 150 21.90 -3.30 11.09
CA MET D 150 21.46 -4.53 11.70
C MET D 150 22.11 -5.71 10.96
N GLY D 151 22.65 -6.67 11.73
CA GLY D 151 23.18 -7.91 11.20
C GLY D 151 23.62 -8.84 12.33
N SER D 152 24.90 -9.26 12.35
CA SER D 152 25.38 -10.18 13.38
C SER D 152 25.52 -9.50 14.73
N PHE D 153 25.26 -10.26 15.80
CA PHE D 153 25.52 -9.85 17.16
C PHE D 153 26.94 -9.36 17.30
N ASN D 154 27.14 -8.24 18.02
CA ASN D 154 28.45 -7.62 18.10
C ASN D 154 28.85 -7.61 19.57
N PRO D 155 29.73 -8.54 20.01
CA PRO D 155 30.17 -8.54 21.42
C PRO D 155 30.79 -7.24 21.94
N SER D 156 31.49 -6.52 21.06
CA SER D 156 32.20 -5.31 21.45
C SER D 156 31.20 -4.18 21.79
N TYR D 157 30.14 -4.02 20.98
CA TYR D 157 29.11 -3.05 21.33
C TYR D 157 28.38 -3.46 22.60
N ASP D 158 28.28 -4.77 22.87
CA ASP D 158 27.59 -5.22 24.06
C ASP D 158 28.36 -4.76 25.30
N LYS D 159 29.68 -4.47 25.21
CA LYS D 159 30.43 -3.97 26.35
C LYS D 159 29.89 -2.61 26.82
N ILE D 160 29.16 -1.90 25.94
CA ILE D 160 28.42 -0.71 26.32
C ILE D 160 26.99 -1.10 26.67
N PHE D 161 26.29 -1.81 25.78
CA PHE D 161 24.85 -2.01 25.92
C PHE D 161 24.51 -2.81 27.17
N SER D 162 25.36 -3.72 27.63
CA SER D 162 25.08 -4.52 28.81
C SER D 162 25.01 -3.70 30.10
N HIS D 163 25.33 -2.39 30.10
CA HIS D 163 25.27 -1.53 31.27
C HIS D 163 24.10 -0.53 31.25
N LEU D 164 23.28 -0.56 30.19
CA LEU D 164 22.33 0.51 29.98
C LEU D 164 21.25 0.50 31.06
N GLN D 165 20.92 -0.66 31.65
CA GLN D 165 19.80 -0.68 32.59
C GLN D 165 20.17 0.06 33.88
N HIS D 166 21.47 0.38 34.05
CA HIS D 166 21.89 1.15 35.21
C HIS D 166 21.85 2.66 34.97
N VAL D 167 21.57 3.12 33.73
CA VAL D 167 21.50 4.57 33.47
C VAL D 167 20.19 4.90 32.73
N LYS D 168 19.10 4.26 33.09
CA LYS D 168 17.82 4.41 32.39
C LYS D 168 17.30 5.85 32.39
N TYR D 169 17.52 6.62 33.47
CA TYR D 169 16.95 7.95 33.60
C TYR D 169 18.01 9.05 33.58
N LYS D 170 17.58 10.25 33.21
CA LYS D 170 18.49 11.37 33.10
C LYS D 170 19.24 11.54 34.42
N GLY D 171 20.54 11.82 34.30
CA GLY D 171 21.37 12.11 35.46
C GLY D 171 22.01 10.83 35.99
N GLN D 172 21.45 9.65 35.70
CA GLN D 172 22.04 8.43 36.22
C GLN D 172 23.36 8.05 35.56
N GLU D 173 24.22 7.52 36.42
CA GLU D 173 25.60 7.28 36.03
C GLU D 173 26.02 5.89 36.51
N ALA D 174 26.95 5.28 35.76
CA ALA D 174 27.49 3.98 36.11
C ALA D 174 28.86 3.81 35.49
N PHE D 175 29.75 3.18 36.24
CA PHE D 175 31.08 2.96 35.68
C PHE D 175 31.13 1.71 34.83
N VAL D 176 31.98 1.80 33.78
CA VAL D 176 32.26 0.68 32.88
C VAL D 176 33.76 0.41 32.96
N PRO D 177 34.22 -0.86 33.14
CA PRO D 177 35.65 -1.16 33.03
C PRO D 177 36.22 -0.86 31.64
N GLY D 178 37.52 -0.55 31.59
CA GLY D 178 38.11 -0.27 30.31
C GLY D 178 37.99 -1.48 29.38
N PHE D 179 37.83 -1.18 28.10
CA PHE D 179 37.88 -2.17 27.02
C PHE D 179 38.50 -1.49 25.81
N ASN D 180 38.71 -2.25 24.73
CA ASN D 180 39.39 -1.79 23.52
C ASN D 180 38.34 -1.10 22.62
N ILE D 181 38.36 0.21 22.67
CA ILE D 181 37.45 1.01 21.88
C ILE D 181 37.63 0.78 20.37
N GLU D 182 38.85 0.43 19.91
CA GLU D 182 39.06 0.16 18.50
C GLU D 182 38.17 -0.98 17.96
N GLU D 183 37.67 -1.86 18.85
CA GLU D 183 36.78 -2.96 18.47
C GLU D 183 35.42 -2.41 17.98
N LEU D 184 35.13 -1.16 18.30
CA LEU D 184 33.89 -0.51 17.88
C LEU D 184 33.97 0.06 16.46
N LEU D 185 35.16 0.09 15.88
CA LEU D 185 35.41 0.67 14.56
C LEU D 185 35.17 -0.37 13.48
N PRO D 186 34.85 0.05 12.24
CA PRO D 186 34.70 -0.87 11.11
C PRO D 186 35.95 -1.34 10.41
N GLU D 187 35.72 -2.13 9.35
CA GLU D 187 36.74 -2.51 8.40
C GLU D 187 37.22 -1.32 7.59
N ARG D 188 38.50 -1.40 7.22
CA ARG D 188 39.14 -0.49 6.29
C ARG D 188 38.81 0.91 6.75
N THR D 189 39.20 1.21 7.99
CA THR D 189 39.08 2.58 8.45
C THR D 189 39.80 3.59 7.56
N ALA D 190 40.72 3.17 6.69
CA ALA D 190 41.37 4.09 5.79
C ALA D 190 40.39 4.80 4.85
N GLU D 191 39.24 4.17 4.55
CA GLU D 191 38.25 4.70 3.62
C GLU D 191 37.18 5.47 4.41
N TYR D 192 37.07 6.79 4.17
CA TYR D 192 36.18 7.66 4.93
C TYR D 192 35.82 8.89 4.10
N TYR D 193 34.80 9.60 4.62
CA TYR D 193 34.36 10.93 4.23
C TYR D 193 34.86 11.91 5.29
N ARG D 194 35.31 13.08 4.83
CA ARG D 194 35.79 14.12 5.72
C ARG D 194 35.25 15.48 5.30
N TYR D 195 34.77 16.26 6.28
CA TYR D 195 34.27 17.59 6.02
C TYR D 195 34.29 18.39 7.31
N ARG D 196 34.28 19.72 7.13
CA ARG D 196 34.14 20.66 8.21
C ARG D 196 32.68 20.91 8.53
N GLY D 197 32.33 20.66 9.79
CA GLY D 197 30.95 20.88 10.22
C GLY D 197 30.87 21.31 11.68
N SER D 198 29.82 20.80 12.33
CA SER D 198 29.43 21.33 13.61
C SER D 198 29.10 20.23 14.60
N LEU D 199 28.91 20.64 15.87
CA LEU D 199 28.17 19.77 16.78
C LEU D 199 26.75 19.58 16.24
N THR D 200 26.21 18.37 16.36
CA THR D 200 24.85 18.08 15.86
C THR D 200 23.79 18.32 16.95
N THR D 201 24.21 18.79 18.12
CA THR D 201 23.34 19.15 19.22
C THR D 201 23.66 20.58 19.61
N PRO D 202 22.70 21.30 20.24
CA PRO D 202 23.06 22.57 20.85
C PRO D 202 24.32 22.39 21.69
N PRO D 203 25.24 23.37 21.71
CA PRO D 203 25.14 24.66 21.02
C PRO D 203 25.41 24.73 19.51
N CYS D 204 25.67 23.59 18.87
CA CYS D 204 25.87 23.54 17.43
C CYS D 204 27.10 24.29 16.92
N ASN D 205 28.13 24.41 17.77
CA ASN D 205 29.31 25.17 17.42
C ASN D 205 29.89 24.61 16.13
N PRO D 206 30.28 25.49 15.18
CA PRO D 206 30.87 25.09 13.90
C PRO D 206 32.36 24.79 13.96
N THR D 207 32.72 23.87 14.85
CA THR D 207 34.12 23.68 15.21
C THR D 207 34.55 22.23 15.11
N VAL D 208 33.80 21.38 14.39
CA VAL D 208 34.05 19.94 14.33
C VAL D 208 34.61 19.56 12.95
N LEU D 209 35.79 18.92 12.92
CA LEU D 209 36.25 18.14 11.77
C LEU D 209 35.66 16.73 11.85
N TRP D 210 34.76 16.43 10.92
CA TRP D 210 34.08 15.14 10.86
C TRP D 210 34.83 14.13 9.98
N THR D 211 34.96 12.93 10.50
CA THR D 211 35.40 11.77 9.74
C THR D 211 34.34 10.68 9.85
N VAL D 212 33.69 10.35 8.75
CA VAL D 212 32.66 9.33 8.72
C VAL D 212 33.23 8.13 7.96
N PHE D 213 33.39 6.98 8.64
CA PHE D 213 33.95 5.82 7.99
C PHE D 213 33.01 5.32 6.91
N ARG D 214 33.58 4.92 5.79
CA ARG D 214 32.81 4.41 4.67
C ARG D 214 31.99 3.16 5.02
N ASN D 215 32.59 2.25 5.79
CA ASN D 215 31.96 0.96 5.99
C ASN D 215 31.29 0.94 7.33
N PRO D 216 30.04 0.43 7.39
CA PRO D 216 29.32 0.29 8.65
C PRO D 216 29.87 -0.89 9.45
N VAL D 217 29.48 -0.93 10.72
CA VAL D 217 29.55 -2.10 11.55
C VAL D 217 28.14 -2.69 11.68
N GLN D 218 28.06 -3.92 12.19
CA GLN D 218 26.80 -4.59 12.43
C GLN D 218 26.58 -4.82 13.92
N ILE D 219 25.32 -4.66 14.33
CA ILE D 219 24.82 -5.18 15.60
C ILE D 219 23.56 -6.00 15.29
N SER D 220 23.15 -6.88 16.21
CA SER D 220 21.98 -7.70 15.93
C SER D 220 20.70 -6.88 16.11
N GLN D 221 19.60 -7.44 15.57
CA GLN D 221 18.26 -6.88 15.73
C GLN D 221 17.93 -6.73 17.21
N GLU D 222 18.37 -7.72 18.01
CA GLU D 222 18.10 -7.68 19.43
C GLU D 222 18.88 -6.56 20.14
N GLN D 223 20.15 -6.37 19.77
CA GLN D 223 20.92 -5.27 20.33
C GLN D 223 20.33 -3.90 19.97
N LEU D 224 19.91 -3.71 18.71
CA LEU D 224 19.31 -2.44 18.30
C LEU D 224 18.05 -2.14 19.12
N LEU D 225 17.18 -3.14 19.23
CA LEU D 225 15.96 -2.97 20.01
C LEU D 225 16.27 -2.66 21.47
N ALA D 226 17.27 -3.35 22.04
CA ALA D 226 17.68 -3.04 23.40
C ALA D 226 18.08 -1.57 23.55
N LEU D 227 18.88 -1.06 22.60
CA LEU D 227 19.32 0.32 22.69
C LEU D 227 18.13 1.30 22.60
N GLU D 228 17.26 1.03 21.65
CA GLU D 228 16.08 1.89 21.43
C GLU D 228 15.07 1.91 22.60
N THR D 229 15.12 0.90 23.46
CA THR D 229 14.11 0.69 24.49
C THR D 229 14.67 0.87 25.89
N ALA D 230 15.98 1.12 26.04
CA ALA D 230 16.59 1.09 27.36
C ALA D 230 16.38 2.37 28.16
N LEU D 231 16.33 3.52 27.49
CA LEU D 231 16.58 4.79 28.18
C LEU D 231 15.40 5.75 28.07
N TYR D 232 15.42 6.68 29.01
CA TYR D 232 14.48 7.79 29.11
C TYR D 232 15.25 9.12 29.15
N CYS D 233 14.64 10.14 28.54
CA CYS D 233 15.18 11.50 28.52
C CYS D 233 14.97 12.27 29.81
N THR D 234 14.13 11.76 30.70
CA THR D 234 13.63 12.49 31.84
C THR D 234 14.20 11.91 33.13
N HIS D 235 14.14 12.73 34.17
CA HIS D 235 14.55 12.28 35.48
C HIS D 235 13.52 11.28 36.05
N MET D 236 13.99 10.53 37.05
CA MET D 236 13.15 9.61 37.79
C MET D 236 11.89 10.23 38.40
N ASP D 237 11.93 11.52 38.78
CA ASP D 237 10.82 12.15 39.45
C ASP D 237 9.98 13.00 38.50
N ASP D 238 10.19 12.82 37.18
CA ASP D 238 9.46 13.59 36.20
C ASP D 238 8.05 13.02 36.03
N PRO D 239 6.98 13.83 36.23
CA PRO D 239 5.59 13.41 36.02
C PRO D 239 5.19 13.09 34.58
N SER D 240 5.99 13.59 33.60
CA SER D 240 5.75 13.37 32.18
C SER D 240 6.96 12.72 31.54
N PRO D 241 7.18 11.42 31.78
CA PRO D 241 8.32 10.72 31.20
C PRO D 241 8.35 10.76 29.69
N ARG D 242 9.55 10.69 29.14
CA ARG D 242 9.78 10.67 27.71
C ARG D 242 10.88 9.65 27.39
N GLU D 243 10.53 8.67 26.55
CA GLU D 243 11.48 7.66 26.10
C GLU D 243 12.56 8.27 25.20
N MET D 244 13.81 7.83 25.37
CA MET D 244 14.92 8.29 24.54
C MET D 244 14.93 7.49 23.26
N ILE D 245 14.33 8.11 22.23
CA ILE D 245 14.19 7.58 20.89
C ILE D 245 14.37 8.75 19.91
N ASN D 246 14.77 8.43 18.67
CA ASN D 246 14.85 9.41 17.60
C ASN D 246 15.71 10.60 18.03
N ASN D 247 16.85 10.28 18.66
CA ASN D 247 17.75 11.32 19.16
C ASN D 247 18.85 11.61 18.12
N PHE D 248 18.43 11.90 16.91
CA PHE D 248 19.29 12.26 15.79
C PHE D 248 18.76 13.54 15.15
N ARG D 249 19.64 14.39 14.61
CA ARG D 249 19.23 15.61 13.96
C ARG D 249 18.98 15.31 12.49
N GLN D 250 17.98 15.96 11.89
CA GLN D 250 17.77 15.87 10.45
C GLN D 250 19.02 16.39 9.71
N VAL D 251 19.25 15.89 8.48
CA VAL D 251 20.32 16.40 7.68
C VAL D 251 20.09 17.86 7.32
N GLN D 252 21.22 18.57 7.17
CA GLN D 252 21.27 20.01 6.94
C GLN D 252 21.50 20.29 5.46
N LYS D 253 21.11 21.49 5.01
CA LYS D 253 21.55 21.98 3.70
C LYS D 253 23.08 22.01 3.64
N PHE D 254 23.59 21.74 2.44
CA PHE D 254 25.02 21.72 2.20
C PHE D 254 25.26 22.08 0.75
N ASP D 255 25.43 23.40 0.52
CA ASP D 255 25.51 24.06 -0.79
C ASP D 255 26.86 24.78 -0.95
N GLU D 256 27.37 24.71 -2.18
CA GLU D 256 28.64 25.29 -2.58
C GLU D 256 29.72 24.92 -1.58
N ARG D 257 29.64 23.66 -1.13
CA ARG D 257 30.69 23.06 -0.32
C ARG D 257 30.84 21.58 -0.63
N LEU D 258 31.97 21.04 -0.11
CA LEU D 258 32.50 19.73 -0.48
C LEU D 258 32.81 18.87 0.75
N VAL D 259 32.54 17.58 0.57
CA VAL D 259 33.03 16.48 1.37
C VAL D 259 34.14 15.81 0.58
N TYR D 260 35.22 15.52 1.29
CA TYR D 260 36.39 14.91 0.69
C TYR D 260 36.42 13.43 1.05
N THR D 261 36.71 12.58 0.09
CA THR D 261 36.77 11.16 0.33
C THR D 261 38.21 10.69 0.21
N SER D 262 38.56 9.65 0.99
CA SER D 262 39.90 9.05 0.94
C SER D 262 39.89 7.83 0.01
N PHE D 263 38.83 7.61 -0.75
CA PHE D 263 38.73 6.52 -1.70
C PHE D 263 38.20 7.13 -2.99
N SER D 264 38.69 6.67 -4.15
CA SER D 264 38.25 7.17 -5.45
C SER D 264 37.07 6.34 -5.99
ZN ZN E . 5.28 24.39 -2.27
O21 A1H89 F . 4.10 31.34 -2.82
C17 A1H89 F . -2.85 29.98 0.29
C16 A1H89 F . -2.88 30.44 1.74
C15 A1H89 F . -2.34 31.86 1.95
C14 A1H89 F . -1.03 31.85 2.70
C12 A1H89 F . 0.14 29.78 1.63
C10 A1H89 F . 2.08 28.97 -0.75
F28 A1H89 F . 1.05 26.90 -0.06
C9 A1H89 F . 2.20 27.56 -0.38
C8 A1H89 F . 3.44 26.75 -0.34
S25 A1H89 F . 3.35 25.12 0.01
O27 A1H89 F . 3.12 24.94 1.42
N56 A1H89 F . 4.75 24.47 -0.39
O26 A1H89 F . 2.42 24.50 -0.88
C7 A1H89 F . 4.54 27.59 -0.65
F24 A1H89 F . 5.74 26.96 -0.61
C5 A1H89 F . 4.54 28.97 -1.05
O23 A1H89 F . 5.69 29.62 -1.28
C6 A1H89 F . 6.29 29.27 -2.52
C4 A1H89 F . 3.27 29.74 -1.05
S20 A1H89 F . 3.41 31.31 -1.51
C1 A1H89 F . 4.43 32.18 -0.43
C2 A1H89 F . 3.84 32.15 0.98
C3 A1H89 F . 4.50 33.13 1.94
O22 A1H89 F . 3.90 32.96 3.20
O19 A1H89 F . 2.06 31.97 -1.44
N29 A1H89 F . 0.83 29.60 -0.69
C11 A1H89 F . -0.33 29.33 0.23
C18 A1H89 F . -1.52 30.13 -0.38
C13 A1H89 F . 0.16 31.28 1.89
ZN ZN G . -27.53 -9.91 -16.02
O21 A1H89 H . -29.03 -3.07 -16.89
C17 A1H89 H . -35.97 -4.67 -14.09
C16 A1H89 H . -36.15 -4.16 -12.66
C15 A1H89 H . -35.67 -2.73 -12.32
C14 A1H89 H . -34.42 -2.72 -11.50
C12 A1H89 H . -33.02 -4.55 -12.66
C10 A1H89 H . -31.03 -5.41 -14.82
F28 A1H89 H . -31.93 -7.46 -14.05
C9 A1H89 H . -30.84 -6.79 -14.34
C8 A1H89 H . -29.54 -7.54 -14.26
S25 A1H89 H . -29.56 -9.14 -13.84
O27 A1H89 H . -29.83 -9.26 -12.41
N56 A1H89 H . -28.11 -9.70 -14.15
O26 A1H89 H . -30.44 -9.75 -14.77
C7 A1H89 H . -28.47 -6.65 -14.57
F24 A1H89 H . -27.24 -7.19 -14.50
C5 A1H89 H . -28.54 -5.30 -15.03
O23 A1H89 H . -27.41 -4.65 -15.27
C6 A1H89 H . -26.62 -4.94 -16.43
C4 A1H89 H . -29.84 -4.62 -15.12
S20 A1H89 H . -29.73 -3.07 -15.67
C1 A1H89 H . -28.85 -2.15 -14.59
C2 A1H89 H . -29.51 -2.19 -13.19
C3 A1H89 H . -28.93 -1.22 -12.18
O22 A1H89 H . -29.54 -1.41 -10.90
O19 A1H89 H . -31.08 -2.53 -15.73
N29 A1H89 H . -32.24 -4.77 -14.82
C11 A1H89 H . -33.43 -5.05 -14.03
C18 A1H89 H . -34.63 -4.37 -14.70
C13 A1H89 H . -33.19 -3.05 -12.36
ZN ZN I . -5.99 -19.49 5.49
O21 A1H89 J . -6.46 -17.52 12.18
C17 A1H89 J . -3.45 -12.41 11.35
C16 A1H89 J . -2.48 -11.28 11.71
C15 A1H89 J . -1.24 -11.76 12.47
C14 A1H89 J . -0.14 -12.25 11.55
C12 A1H89 J . -1.23 -14.52 11.22
C10 A1H89 J . -4.27 -15.92 9.64
F28 A1H89 J . -2.91 -15.70 7.72
C9 A1H89 J . -4.09 -16.05 8.19
C8 A1H89 J . -5.09 -16.48 7.21
S25 A1H89 J . -4.70 -16.69 5.61
O27 A1H89 J . -4.71 -15.44 4.92
N56 A1H89 J . -5.82 -17.61 4.98
O26 A1H89 J . -3.44 -17.50 5.65
C7 A1H89 J . -6.34 -16.88 7.83
F24 A1H89 J . -7.35 -17.31 7.07
C5 A1H89 J . -6.59 -16.72 9.25
O23 A1H89 J . -7.78 -17.08 9.75
C6 A1H89 J . -8.09 -18.47 9.62
C4 A1H89 J . -5.60 -16.23 10.20
S20 A1H89 J . -6.04 -16.22 11.79
C1 A1H89 J . -7.39 -15.19 12.03
C2 A1H89 J . -6.94 -13.77 11.60
C3 A1H89 J . -8.06 -12.74 11.74
O22 A1H89 J . -7.51 -11.49 11.35
O19 A1H89 J . -4.92 -15.70 12.55
N29 A1H89 J . -3.33 -15.39 10.48
C11 A1H89 J . -2.31 -14.45 10.15
C18 A1H89 J . -3.04 -13.12 10.05
C13 A1H89 J . 0.00 -13.68 11.06
ZN ZN K . 26.79 12.68 18.11
O21 A1H89 L . 26.56 14.40 24.95
C17 A1H89 L . 33.20 18.08 23.80
C16 A1H89 L . 33.07 19.58 23.98
C15 A1H89 L . 32.31 19.96 25.20
C14 A1H89 L . 30.91 20.40 24.84
C12 A1H89 L . 30.19 18.81 22.97
C10 A1H89 L . 28.77 16.09 22.40
F28 A1H89 L . 30.09 16.29 20.45
C9 A1H89 L . 28.91 16.00 20.97
C8 A1H89 L . 27.85 15.60 20.00
S25 A1H89 L . 28.23 15.39 18.36
O27 A1H89 L . 28.33 16.72 17.79
N56 A1H89 L . 27.11 14.50 17.65
O26 A1H89 L . 29.44 14.58 18.37
C7 A1H89 L . 26.60 15.30 20.68
F24 A1H89 L . 25.56 14.93 19.93
C5 A1H89 L . 26.40 15.39 22.07
O23 A1H89 L . 25.15 15.10 22.55
C6 A1H89 L . 24.76 13.68 22.50
C4 A1H89 L . 27.46 15.74 23.00
S20 A1H89 L . 27.06 15.72 24.61
C1 A1H89 L . 25.83 16.83 24.89
C2 A1H89 L . 26.27 18.26 24.64
C3 A1H89 L . 25.24 19.32 24.96
O22 A1H89 L . 25.76 20.55 24.54
O19 A1H89 L . 28.18 16.22 25.36
N29 A1H89 L . 29.81 16.47 23.18
C11 A1H89 L . 30.82 17.44 22.88
C18 A1H89 L . 31.96 17.24 23.88
C13 A1H89 L . 29.94 19.31 24.38
#